data_1IXX
#
_entry.id   1IXX
#
_cell.length_a   172.200
_cell.length_b   85.700
_cell.length_c   65.200
_cell.angle_alpha   90.00
_cell.angle_beta   90.00
_cell.angle_gamma   90.00
#
_symmetry.space_group_name_H-M   'P 21 21 2'
#
loop_
_entity.id
_entity.type
_entity.pdbx_description
1 polymer 'COAGULATION FACTORS IX/X-BINDING PROTEIN'
2 polymer 'COAGULATION FACTORS IX/X-BINDING PROTEIN'
3 non-polymer 'CALCIUM ION'
4 water water
#
loop_
_entity_poly.entity_id
_entity_poly.type
_entity_poly.pdbx_seq_one_letter_code
_entity_poly.pdbx_strand_id
1 'polypeptide(L)'
;DCLSGWSSYEGHCYKAFEKYKTWEDAERVCTEQAKGAHLVSIESSGEADFVAQLVTQNMKRLDFYIWIGLRVQGKVKQCN
SEWSDGSSVSYENWIEAESKTCLGLEKETDFRKWVNIYCGQQNPFVCEA
;
A,C,E
2 'polypeptide(L)'
;DCPSDWSSYEGHCYKPFSEPKNWADAENFCTQQHAGGHLVSFQSSEEADFVVKLAFQTFGHSIFWMGLSNVWNQCNWQWS
NAAMLRYKAWAEESYCVYFKSTNNKWRSRACRMMAQFVCEFQA
;
B,D,F
#
# COMPACT_ATOMS: atom_id res chain seq x y z
N ASP A 1 -2.34 42.92 -19.52
CA ASP A 1 -2.38 42.46 -18.10
C ASP A 1 -2.30 40.94 -18.15
N CYS A 2 -2.52 40.31 -17.01
CA CYS A 2 -2.58 38.87 -16.88
C CYS A 2 -4.08 38.62 -16.81
N LEU A 3 -4.48 37.37 -16.73
CA LEU A 3 -5.91 37.07 -16.61
C LEU A 3 -6.26 37.29 -15.15
N SER A 4 -7.54 37.33 -14.87
CA SER A 4 -8.03 37.55 -13.52
C SER A 4 -7.72 36.35 -12.64
N GLY A 5 -7.11 36.61 -11.49
CA GLY A 5 -6.77 35.55 -10.56
C GLY A 5 -5.34 35.06 -10.73
N TRP A 6 -4.71 35.51 -11.81
CA TRP A 6 -3.35 35.16 -12.11
C TRP A 6 -2.45 36.28 -11.64
N SER A 7 -1.44 35.91 -10.85
CA SER A 7 -0.48 36.87 -10.32
C SER A 7 0.74 36.90 -11.26
N SER A 8 1.20 38.11 -11.60
CA SER A 8 2.35 38.23 -12.49
C SER A 8 3.67 38.22 -11.75
N TYR A 9 4.72 37.83 -12.44
CA TYR A 9 6.06 37.80 -11.87
C TYR A 9 7.06 37.77 -12.99
N GLU A 10 7.81 38.85 -13.13
CA GLU A 10 8.82 38.95 -14.17
C GLU A 10 8.28 38.70 -15.58
N GLY A 11 7.18 39.38 -15.91
CA GLY A 11 6.58 39.25 -17.23
C GLY A 11 5.97 37.92 -17.63
N HIS A 12 5.30 37.28 -16.70
CA HIS A 12 4.63 36.00 -16.92
C HIS A 12 3.50 35.95 -15.91
N CYS A 13 2.53 35.08 -16.14
CA CYS A 13 1.39 34.95 -15.25
C CYS A 13 1.31 33.57 -14.66
N TYR A 14 1.04 33.52 -13.35
CA TYR A 14 0.95 32.27 -12.63
C TYR A 14 -0.40 32.09 -11.92
N LYS A 15 -0.84 30.85 -11.74
CA LYS A 15 -2.09 30.57 -11.03
C LYS A 15 -2.14 29.16 -10.46
N ALA A 16 -2.45 29.06 -9.18
CA ALA A 16 -2.56 27.78 -8.49
C ALA A 16 -3.97 27.24 -8.66
N PHE A 17 -4.08 25.96 -8.93
CA PHE A 17 -5.38 25.32 -9.11
C PHE A 17 -5.51 24.20 -8.10
N GLU A 18 -6.61 24.21 -7.35
CA GLU A 18 -6.82 23.17 -6.35
C GLU A 18 -7.60 21.97 -6.87
N LYS A 19 -7.56 21.77 -8.18
CA LYS A 19 -8.21 20.63 -8.81
C LYS A 19 -7.20 19.52 -8.57
N TYR A 20 -7.64 18.27 -8.58
CA TYR A 20 -6.73 17.16 -8.39
C TYR A 20 -6.71 16.31 -9.63
N LYS A 21 -5.74 16.60 -10.50
CA LYS A 21 -5.60 15.86 -11.73
C LYS A 21 -4.24 15.20 -11.88
N THR A 22 -4.13 14.29 -12.85
CA THR A 22 -2.89 13.60 -13.15
C THR A 22 -2.04 14.61 -13.92
N TRP A 23 -0.71 14.41 -13.92
CA TRP A 23 0.18 15.32 -14.60
C TRP A 23 -0.31 15.67 -16.01
N GLU A 24 -0.63 14.65 -16.79
CA GLU A 24 -1.10 14.87 -18.16
C GLU A 24 -2.36 15.75 -18.23
N ASP A 25 -3.30 15.52 -17.31
CA ASP A 25 -4.54 16.29 -17.27
C ASP A 25 -4.28 17.73 -16.82
N ALA A 26 -3.51 17.88 -15.73
CA ALA A 26 -3.13 19.18 -15.17
C ALA A 26 -2.47 20.08 -16.24
N GLU A 27 -1.68 19.45 -17.11
CA GLU A 27 -1.00 20.13 -18.21
C GLU A 27 -2.04 20.58 -19.25
N ARG A 28 -3.05 19.74 -19.47
CA ARG A 28 -4.13 20.03 -20.42
C ARG A 28 -4.96 21.22 -19.92
N VAL A 29 -5.35 21.19 -18.66
CA VAL A 29 -6.13 22.27 -18.06
C VAL A 29 -5.34 23.57 -18.19
N CYS A 30 -4.04 23.50 -17.93
CA CYS A 30 -3.19 24.68 -18.05
C CYS A 30 -3.18 25.23 -19.46
N THR A 31 -3.21 24.35 -20.45
CA THR A 31 -3.20 24.81 -21.83
C THR A 31 -4.51 25.49 -22.19
N GLU A 32 -5.60 24.93 -21.68
CA GLU A 32 -6.92 25.47 -21.95
C GLU A 32 -7.18 26.83 -21.30
N GLN A 33 -6.49 27.09 -20.19
CA GLN A 33 -6.65 28.35 -19.47
C GLN A 33 -6.26 29.60 -20.25
N ALA A 34 -5.15 29.54 -20.98
CA ALA A 34 -4.67 30.69 -21.73
C ALA A 34 -3.76 30.24 -22.86
N LYS A 35 -3.57 31.12 -23.84
CA LYS A 35 -2.71 30.77 -24.97
C LYS A 35 -1.27 30.61 -24.52
N GLY A 36 -0.70 29.46 -24.83
CA GLY A 36 0.68 29.20 -24.50
C GLY A 36 0.95 28.88 -23.04
N ALA A 37 -0.09 28.65 -22.25
CA ALA A 37 0.09 28.33 -20.86
C ALA A 37 0.38 26.83 -20.72
N HIS A 38 1.17 26.48 -19.72
CA HIS A 38 1.54 25.10 -19.44
C HIS A 38 1.72 25.05 -17.95
N LEU A 39 2.24 23.94 -17.45
CA LEU A 39 2.54 23.82 -16.01
C LEU A 39 3.75 24.69 -15.76
N VAL A 40 3.85 25.20 -14.55
CA VAL A 40 4.96 26.07 -14.18
C VAL A 40 6.36 25.52 -14.44
N SER A 41 7.20 26.38 -15.04
CA SER A 41 8.59 26.07 -15.34
C SER A 41 9.40 27.02 -14.46
N ILE A 42 10.06 26.45 -13.45
CA ILE A 42 10.87 27.19 -12.51
C ILE A 42 12.27 27.27 -13.07
N GLU A 43 12.68 28.49 -13.43
CA GLU A 43 13.98 28.71 -14.03
C GLU A 43 14.96 29.51 -13.18
N SER A 44 14.57 29.84 -11.96
CA SER A 44 15.42 30.61 -11.07
C SER A 44 14.95 30.52 -9.63
N SER A 45 15.89 30.71 -8.71
CA SER A 45 15.62 30.68 -7.29
C SER A 45 14.47 31.64 -6.96
N GLY A 46 14.53 32.83 -7.53
CA GLY A 46 13.50 33.83 -7.29
C GLY A 46 12.13 33.35 -7.73
N GLU A 47 12.11 32.58 -8.81
CA GLU A 47 10.87 32.04 -9.33
C GLU A 47 10.45 30.92 -8.41
N ALA A 48 11.43 30.19 -7.88
CA ALA A 48 11.16 29.10 -6.96
C ALA A 48 10.51 29.68 -5.70
N ASP A 49 11.02 30.84 -5.29
CA ASP A 49 10.50 31.53 -4.12
C ASP A 49 9.10 32.05 -4.41
N PHE A 50 8.91 32.67 -5.57
CA PHE A 50 7.59 33.21 -5.93
C PHE A 50 6.53 32.11 -5.96
N VAL A 51 6.79 31.04 -6.70
CA VAL A 51 5.84 29.93 -6.79
C VAL A 51 5.53 29.36 -5.41
N ALA A 52 6.55 29.23 -4.56
CA ALA A 52 6.35 28.70 -3.22
C ALA A 52 5.44 29.65 -2.45
N GLN A 53 5.75 30.95 -2.56
CA GLN A 53 5.03 32.06 -1.94
C GLN A 53 3.55 31.99 -2.34
N LEU A 54 3.30 32.07 -3.64
CA LEU A 54 1.97 32.00 -4.23
C LEU A 54 1.19 30.78 -3.75
N VAL A 55 1.85 29.64 -3.67
CA VAL A 55 1.21 28.40 -3.24
C VAL A 55 0.73 28.45 -1.80
N THR A 56 1.63 28.79 -0.89
CA THR A 56 1.30 28.85 0.53
C THR A 56 0.30 29.95 0.87
N GLN A 57 0.26 31.00 0.06
CA GLN A 57 -0.65 32.10 0.28
C GLN A 57 -1.98 31.91 -0.44
N ASN A 58 -1.97 31.18 -1.54
CA ASN A 58 -3.18 30.99 -2.32
C ASN A 58 -3.78 29.58 -2.34
N MET A 59 -3.25 28.67 -1.54
CA MET A 59 -3.82 27.32 -1.53
C MET A 59 -4.45 26.96 -0.19
N LYS A 60 -5.63 26.34 -0.25
CA LYS A 60 -6.35 25.93 0.95
C LYS A 60 -5.82 24.64 1.56
N ARG A 61 -5.38 23.73 0.70
CA ARG A 61 -4.85 22.45 1.15
C ARG A 61 -3.40 22.30 0.70
N LEU A 62 -2.48 22.28 1.66
CA LEU A 62 -1.06 22.16 1.37
C LEU A 62 -0.43 20.83 1.83
N ASP A 63 -1.20 19.74 1.78
CA ASP A 63 -0.64 18.45 2.20
C ASP A 63 -0.55 17.43 1.07
N PHE A 64 -0.40 17.92 -0.14
CA PHE A 64 -0.25 17.09 -1.33
C PHE A 64 0.93 17.66 -2.10
N TYR A 65 1.21 17.08 -3.26
CA TYR A 65 2.29 17.58 -4.08
C TYR A 65 1.62 18.48 -5.10
N ILE A 66 2.30 19.54 -5.51
CA ILE A 66 1.73 20.40 -6.53
C ILE A 66 2.62 20.19 -7.75
N TRP A 67 2.01 19.80 -8.86
CA TRP A 67 2.75 19.53 -10.10
C TRP A 67 3.52 20.70 -10.67
N ILE A 68 4.68 20.39 -11.25
CA ILE A 68 5.46 21.39 -11.96
C ILE A 68 5.58 20.79 -13.36
N GLY A 69 6.08 21.56 -14.32
CA GLY A 69 6.17 21.07 -15.69
C GLY A 69 7.36 20.23 -16.16
N LEU A 70 8.22 19.78 -15.25
CA LEU A 70 9.38 18.98 -15.63
C LEU A 70 9.05 17.51 -15.46
N ARG A 71 9.23 16.74 -16.53
CA ARG A 71 8.95 15.30 -16.47
C ARG A 71 9.78 14.60 -17.54
N VAL A 72 9.79 13.27 -17.50
CA VAL A 72 10.51 12.51 -18.52
C VAL A 72 9.50 12.32 -19.66
N GLN A 73 9.95 12.63 -20.87
CA GLN A 73 9.11 12.50 -22.05
C GLN A 73 8.81 11.06 -22.46
N GLY A 74 7.56 10.63 -22.24
CA GLY A 74 7.16 9.30 -22.67
C GLY A 74 7.28 8.06 -21.80
N LYS A 75 7.29 6.91 -22.48
CA LYS A 75 7.36 5.60 -21.83
C LYS A 75 8.76 5.23 -21.36
N VAL A 76 9.10 5.61 -20.15
CA VAL A 76 10.41 5.28 -19.62
C VAL A 76 10.39 4.77 -18.19
N LYS A 77 10.73 3.49 -18.04
CA LYS A 77 10.81 2.81 -16.76
C LYS A 77 12.14 3.22 -16.12
N GLN A 78 13.23 2.95 -16.84
CA GLN A 78 14.59 3.29 -16.43
C GLN A 78 15.36 3.61 -17.69
N CYS A 79 16.27 4.55 -17.60
CA CYS A 79 17.09 4.93 -18.75
C CYS A 79 18.50 4.40 -18.66
N ASN A 80 18.78 3.65 -17.60
CA ASN A 80 20.09 3.07 -17.44
C ASN A 80 20.13 1.81 -18.30
N SER A 81 21.04 1.82 -19.27
CA SER A 81 21.17 0.71 -20.20
C SER A 81 21.50 -0.66 -19.60
N GLU A 82 22.34 -0.67 -18.57
CA GLU A 82 22.76 -1.95 -17.99
C GLU A 82 22.94 -1.98 -16.48
N TRP A 83 23.09 -3.19 -15.96
CA TRP A 83 23.30 -3.43 -14.55
C TRP A 83 24.77 -3.13 -14.24
N SER A 84 25.08 -3.01 -12.95
CA SER A 84 26.44 -2.73 -12.49
C SER A 84 27.49 -3.78 -12.90
N ASP A 85 27.02 -4.94 -13.35
CA ASP A 85 27.93 -6.00 -13.76
C ASP A 85 28.23 -5.98 -15.27
N GLY A 86 27.66 -4.99 -15.97
CA GLY A 86 27.88 -4.87 -17.40
C GLY A 86 26.81 -5.46 -18.29
N SER A 87 25.95 -6.31 -17.75
CA SER A 87 24.90 -6.92 -18.57
C SER A 87 23.73 -5.97 -18.81
N SER A 88 23.19 -6.01 -20.02
CA SER A 88 22.06 -5.15 -20.38
C SER A 88 20.76 -5.62 -19.75
N VAL A 89 19.93 -4.66 -19.41
CA VAL A 89 18.64 -4.89 -18.81
C VAL A 89 17.64 -5.29 -19.90
N SER A 90 17.09 -6.49 -19.80
CA SER A 90 16.10 -6.95 -20.76
C SER A 90 14.83 -7.18 -19.95
N TYR A 91 14.91 -8.15 -19.05
CA TYR A 91 13.82 -8.49 -18.16
C TYR A 91 13.67 -7.39 -17.09
N GLU A 92 12.46 -6.87 -16.96
CA GLU A 92 12.16 -5.86 -15.96
C GLU A 92 10.82 -6.27 -15.35
N ASN A 93 10.64 -5.97 -14.08
CA ASN A 93 9.40 -6.31 -13.39
C ASN A 93 8.99 -5.16 -12.47
N TRP A 94 8.94 -3.95 -13.03
CA TRP A 94 8.56 -2.76 -12.27
C TRP A 94 7.11 -2.77 -11.80
N ILE A 95 6.82 -1.87 -10.86
CA ILE A 95 5.47 -1.64 -10.36
C ILE A 95 5.23 -0.29 -11.04
N GLU A 96 4.18 -0.18 -11.84
CA GLU A 96 3.84 1.05 -12.56
C GLU A 96 4.03 2.31 -11.71
N ALA A 97 3.49 2.27 -10.51
CA ALA A 97 3.56 3.39 -9.58
C ALA A 97 4.96 3.73 -9.09
N GLU A 98 5.92 2.82 -9.31
CA GLU A 98 7.30 3.06 -8.89
C GLU A 98 8.15 3.85 -9.89
N SER A 99 7.63 4.14 -11.08
CA SER A 99 8.34 4.94 -12.08
C SER A 99 7.99 6.41 -11.79
N LYS A 100 8.81 7.04 -10.97
CA LYS A 100 8.54 8.42 -10.56
C LYS A 100 9.23 9.40 -11.47
N THR A 101 8.64 9.54 -12.66
CA THR A 101 9.18 10.39 -13.71
C THR A 101 8.61 11.80 -13.85
N CYS A 102 7.71 12.17 -12.96
CA CYS A 102 7.14 13.52 -12.94
C CYS A 102 7.65 14.19 -11.68
N LEU A 103 7.60 15.51 -11.61
CA LEU A 103 8.09 16.22 -10.43
C LEU A 103 7.06 17.15 -9.82
N GLY A 104 7.05 17.20 -8.50
CA GLY A 104 6.12 18.04 -7.77
C GLY A 104 6.76 18.64 -6.54
N LEU A 105 6.09 19.65 -5.99
CA LEU A 105 6.53 20.36 -4.80
C LEU A 105 5.82 19.83 -3.55
N GLU A 106 6.47 19.92 -2.39
CA GLU A 106 5.84 19.46 -1.15
C GLU A 106 6.16 20.37 0.02
N LYS A 107 5.26 20.41 1.00
CA LYS A 107 5.41 21.23 2.20
C LYS A 107 6.70 20.96 2.97
N GLU A 108 7.09 19.69 3.09
CA GLU A 108 8.32 19.35 3.83
C GLU A 108 9.54 20.14 3.39
N THR A 109 9.63 20.42 2.10
CA THR A 109 10.75 21.18 1.57
C THR A 109 10.30 22.59 1.17
N ASP A 110 9.23 23.04 1.84
CA ASP A 110 8.64 24.37 1.66
C ASP A 110 8.40 24.77 0.22
N PHE A 111 7.93 23.81 -0.58
CA PHE A 111 7.64 24.04 -2.00
C PHE A 111 8.81 24.67 -2.77
N ARG A 112 10.04 24.28 -2.44
CA ARG A 112 11.20 24.84 -3.12
C ARG A 112 12.11 23.78 -3.73
N LYS A 113 11.78 22.51 -3.50
CA LYS A 113 12.54 21.38 -4.01
C LYS A 113 11.63 20.47 -4.83
N TRP A 114 12.20 19.87 -5.87
CA TRP A 114 11.48 19.01 -6.79
C TRP A 114 11.55 17.54 -6.37
N VAL A 115 10.40 16.96 -6.02
CA VAL A 115 10.35 15.57 -5.60
C VAL A 115 9.78 14.67 -6.71
N ASN A 116 10.39 13.50 -6.89
CA ASN A 116 9.98 12.53 -7.91
C ASN A 116 8.71 11.78 -7.50
N ILE A 117 7.64 11.88 -8.29
CA ILE A 117 6.40 11.15 -7.99
C ILE A 117 5.76 10.55 -9.23
N TYR A 118 4.96 9.50 -9.05
CA TYR A 118 4.28 8.84 -10.16
C TYR A 118 3.33 9.82 -10.86
N CYS A 119 3.49 9.92 -12.18
CA CYS A 119 2.68 10.80 -13.01
C CYS A 119 1.18 10.59 -13.00
N GLY A 120 0.76 9.41 -12.55
CA GLY A 120 -0.65 9.08 -12.48
C GLY A 120 -1.29 9.54 -11.19
N GLN A 121 -0.51 10.23 -10.37
CA GLN A 121 -1.02 10.76 -9.12
C GLN A 121 -1.96 11.91 -9.46
N GLN A 122 -2.86 12.23 -8.55
CA GLN A 122 -3.79 13.34 -8.74
C GLN A 122 -3.42 14.40 -7.71
N ASN A 123 -2.91 15.53 -8.19
CA ASN A 123 -2.46 16.60 -7.30
C ASN A 123 -2.83 17.92 -7.91
N PRO A 124 -2.75 19.00 -7.11
CA PRO A 124 -3.05 20.39 -7.51
C PRO A 124 -1.91 20.80 -8.44
N PHE A 125 -2.00 22.00 -9.00
CA PHE A 125 -0.97 22.46 -9.92
C PHE A 125 -0.88 23.98 -10.07
N VAL A 126 0.20 24.45 -10.68
CA VAL A 126 0.39 25.88 -10.91
C VAL A 126 0.69 26.07 -12.39
N CYS A 127 -0.14 26.87 -13.06
CA CYS A 127 0.05 27.12 -14.49
C CYS A 127 0.83 28.40 -14.67
N GLU A 128 1.46 28.51 -15.83
CA GLU A 128 2.23 29.67 -16.18
C GLU A 128 1.94 30.03 -17.63
N ALA A 129 1.79 31.33 -17.86
CA ALA A 129 1.54 31.87 -19.19
C ALA A 129 2.58 32.96 -19.38
N ASP B 1 31.55 -22.40 -8.05
CA ASP B 1 31.89 -23.12 -6.80
C ASP B 1 32.03 -22.06 -5.73
N CYS B 2 30.87 -21.62 -5.26
CA CYS B 2 30.73 -20.57 -4.27
C CYS B 2 31.45 -20.79 -2.96
N PRO B 3 32.04 -19.71 -2.42
CA PRO B 3 32.78 -19.72 -1.15
C PRO B 3 31.91 -20.12 0.03
N SER B 4 32.57 -20.29 1.18
CA SER B 4 31.92 -20.69 2.41
C SER B 4 30.76 -19.77 2.80
N ASP B 5 29.54 -20.24 2.54
CA ASP B 5 28.25 -19.60 2.85
C ASP B 5 27.51 -18.81 1.75
N TRP B 6 28.02 -18.89 0.52
CA TRP B 6 27.38 -18.24 -0.63
C TRP B 6 26.51 -19.31 -1.32
N SER B 7 25.34 -18.90 -1.78
CA SER B 7 24.41 -19.81 -2.44
C SER B 7 24.66 -19.84 -3.93
N SER B 8 24.29 -20.94 -4.58
CA SER B 8 24.51 -21.10 -6.01
C SER B 8 23.25 -21.30 -6.84
N TYR B 9 23.19 -20.57 -7.94
CA TYR B 9 22.09 -20.64 -8.88
C TYR B 9 22.70 -20.38 -10.26
N GLU B 10 22.46 -21.30 -11.19
CA GLU B 10 22.96 -21.23 -12.56
C GLU B 10 24.39 -20.69 -12.69
N GLY B 11 25.32 -21.36 -12.02
CA GLY B 11 26.72 -20.96 -12.11
C GLY B 11 27.08 -19.64 -11.47
N HIS B 12 26.22 -19.14 -10.59
CA HIS B 12 26.49 -17.89 -9.91
C HIS B 12 26.41 -18.10 -8.42
N CYS B 13 27.13 -17.27 -7.67
CA CYS B 13 27.13 -17.32 -6.22
C CYS B 13 26.42 -16.07 -5.76
N TYR B 14 25.52 -16.21 -4.78
CA TYR B 14 24.76 -15.09 -4.26
C TYR B 14 24.84 -15.08 -2.73
N LYS B 15 24.71 -13.91 -2.14
CA LYS B 15 24.75 -13.79 -0.70
C LYS B 15 24.14 -12.48 -0.20
N PRO B 16 23.14 -12.56 0.69
CA PRO B 16 22.46 -11.41 1.28
C PRO B 16 23.29 -10.96 2.46
N PHE B 17 23.34 -9.67 2.72
CA PHE B 17 24.10 -9.14 3.83
C PHE B 17 23.16 -8.32 4.70
N SER B 18 23.43 -8.31 6.00
CA SER B 18 22.58 -7.60 6.95
C SER B 18 22.93 -6.14 7.24
N GLU B 19 24.19 -5.75 7.10
CA GLU B 19 24.53 -4.36 7.39
C GLU B 19 24.04 -3.41 6.30
N PRO B 20 23.10 -2.51 6.66
CA PRO B 20 22.53 -1.54 5.75
C PRO B 20 23.55 -0.52 5.28
N LYS B 21 23.58 -0.32 3.97
CA LYS B 21 24.46 0.64 3.33
C LYS B 21 23.63 1.28 2.22
N ASN B 22 24.07 2.43 1.74
CA ASN B 22 23.39 3.07 0.64
C ASN B 22 23.81 2.30 -0.62
N TRP B 23 23.23 2.61 -1.77
CA TRP B 23 23.56 1.88 -2.99
C TRP B 23 25.06 1.80 -3.34
N ALA B 24 25.72 2.96 -3.46
CA ALA B 24 27.13 2.99 -3.83
C ALA B 24 28.02 2.12 -2.94
N ASP B 25 27.84 2.25 -1.64
CA ASP B 25 28.63 1.54 -0.67
C ASP B 25 28.37 0.05 -0.70
N ALA B 26 27.12 -0.32 -0.97
CA ALA B 26 26.75 -1.74 -1.06
C ALA B 26 27.39 -2.34 -2.33
N GLU B 27 27.45 -1.55 -3.40
CA GLU B 27 28.03 -2.00 -4.65
C GLU B 27 29.53 -2.18 -4.47
N ASN B 28 30.19 -1.19 -3.88
CA ASN B 28 31.63 -1.28 -3.64
C ASN B 28 31.92 -2.49 -2.75
N PHE B 29 31.14 -2.64 -1.70
CA PHE B 29 31.32 -3.77 -0.79
C PHE B 29 31.30 -5.07 -1.57
N CYS B 30 30.33 -5.21 -2.47
CA CYS B 30 30.21 -6.42 -3.28
C CYS B 30 31.44 -6.68 -4.15
N THR B 31 32.10 -5.61 -4.60
CA THR B 31 33.29 -5.76 -5.44
C THR B 31 34.46 -6.26 -4.61
N GLN B 32 34.61 -5.72 -3.40
CA GLN B 32 35.68 -6.10 -2.47
C GLN B 32 35.50 -7.52 -1.91
N GLN B 33 34.37 -8.14 -2.20
CA GLN B 33 34.09 -9.48 -1.70
C GLN B 33 34.73 -10.59 -2.52
N HIS B 34 34.79 -10.40 -3.84
CA HIS B 34 35.36 -11.39 -4.72
C HIS B 34 35.46 -10.76 -6.08
N ALA B 35 36.20 -11.40 -6.99
CA ALA B 35 36.36 -10.91 -8.35
C ALA B 35 35.04 -11.05 -9.11
N GLY B 36 34.67 -10.02 -9.86
CA GLY B 36 33.44 -10.08 -10.62
C GLY B 36 32.23 -9.96 -9.71
N GLY B 37 32.47 -9.48 -8.49
CA GLY B 37 31.43 -9.29 -7.50
C GLY B 37 30.75 -7.95 -7.65
N HIS B 38 29.42 -7.98 -7.67
CA HIS B 38 28.58 -6.80 -7.84
C HIS B 38 27.27 -7.03 -7.11
N LEU B 39 26.45 -5.99 -7.06
CA LEU B 39 25.14 -6.06 -6.46
C LEU B 39 24.37 -7.00 -7.39
N VAL B 40 23.45 -7.78 -6.84
CA VAL B 40 22.69 -8.74 -7.63
C VAL B 40 22.01 -8.15 -8.88
N SER B 41 21.85 -8.99 -9.90
CA SER B 41 21.23 -8.60 -11.16
C SER B 41 20.24 -9.67 -11.57
N PHE B 42 19.04 -9.25 -11.96
CA PHE B 42 18.01 -10.17 -12.39
C PHE B 42 17.98 -10.27 -13.90
N GLN B 43 17.96 -11.51 -14.40
CA GLN B 43 17.95 -11.76 -15.83
C GLN B 43 16.69 -12.51 -16.22
N SER B 44 16.00 -13.05 -15.22
CA SER B 44 14.76 -13.81 -15.43
C SER B 44 13.96 -13.83 -14.14
N SER B 45 12.71 -14.27 -14.22
CA SER B 45 11.84 -14.35 -13.06
C SER B 45 12.32 -15.44 -12.11
N GLU B 46 12.92 -16.49 -12.66
CA GLU B 46 13.43 -17.61 -11.87
C GLU B 46 14.52 -17.15 -10.93
N GLU B 47 15.49 -16.47 -11.51
CA GLU B 47 16.60 -15.97 -10.72
C GLU B 47 16.08 -15.03 -9.67
N ALA B 48 15.08 -14.23 -10.04
CA ALA B 48 14.49 -13.27 -9.12
C ALA B 48 13.81 -13.99 -7.96
N ASP B 49 13.06 -15.04 -8.24
CA ASP B 49 12.39 -15.79 -7.19
C ASP B 49 13.45 -16.43 -6.30
N PHE B 50 14.54 -16.89 -6.90
CA PHE B 50 15.62 -17.50 -6.15
C PHE B 50 16.17 -16.54 -5.11
N VAL B 51 16.58 -15.36 -5.57
CA VAL B 51 17.19 -14.35 -4.71
C VAL B 51 16.23 -13.81 -3.66
N VAL B 52 14.97 -13.58 -4.04
CA VAL B 52 13.98 -13.07 -3.10
C VAL B 52 13.81 -14.08 -1.97
N LYS B 53 13.75 -15.36 -2.36
CA LYS B 53 13.61 -16.46 -1.43
C LYS B 53 14.81 -16.55 -0.49
N LEU B 54 16.01 -16.44 -1.05
CA LEU B 54 17.25 -16.50 -0.27
C LEU B 54 17.26 -15.33 0.73
N ALA B 55 16.93 -14.15 0.24
CA ALA B 55 16.88 -12.95 1.07
C ALA B 55 15.91 -13.14 2.22
N PHE B 56 14.72 -13.67 1.92
CA PHE B 56 13.72 -13.90 2.97
C PHE B 56 14.18 -14.95 3.98
N GLN B 57 14.62 -16.10 3.47
CA GLN B 57 15.09 -17.19 4.32
C GLN B 57 16.25 -16.78 5.22
N THR B 58 17.02 -15.81 4.79
CA THR B 58 18.18 -15.36 5.55
C THR B 58 17.92 -14.19 6.49
N PHE B 59 17.20 -13.17 6.04
CA PHE B 59 16.97 -11.99 6.86
C PHE B 59 15.51 -11.57 7.09
N GLY B 60 14.57 -12.43 6.68
CA GLY B 60 13.17 -12.13 6.87
C GLY B 60 12.58 -11.06 5.99
N HIS B 61 11.68 -10.29 6.58
CA HIS B 61 10.97 -9.21 5.90
C HIS B 61 11.79 -7.92 5.83
N SER B 62 12.38 -7.63 4.68
CA SER B 62 13.16 -6.42 4.52
C SER B 62 13.26 -6.00 3.06
N ILE B 63 14.02 -4.93 2.82
CA ILE B 63 14.24 -4.38 1.48
C ILE B 63 15.70 -4.55 1.09
N PHE B 64 15.94 -5.04 -0.12
CA PHE B 64 17.30 -5.27 -0.60
C PHE B 64 17.61 -4.58 -1.94
N TRP B 65 18.84 -4.08 -2.05
CA TRP B 65 19.34 -3.39 -3.24
C TRP B 65 19.62 -4.32 -4.43
N MET B 66 19.33 -3.81 -5.62
CA MET B 66 19.56 -4.49 -6.89
C MET B 66 20.65 -3.67 -7.54
N GLY B 67 21.39 -4.26 -8.48
CA GLY B 67 22.48 -3.55 -9.11
C GLY B 67 22.13 -2.58 -10.22
N LEU B 68 21.11 -1.77 -9.97
CA LEU B 68 20.64 -0.77 -10.94
C LEU B 68 20.55 0.59 -10.25
N SER B 69 21.27 1.58 -10.77
CA SER B 69 21.27 2.90 -10.16
C SER B 69 21.04 4.01 -11.17
N ASN B 70 20.89 5.23 -10.67
CA ASN B 70 20.67 6.42 -11.48
C ASN B 70 19.69 6.16 -12.62
N VAL B 71 18.61 5.49 -12.25
CA VAL B 71 17.57 5.07 -13.18
C VAL B 71 16.99 6.11 -14.13
N TRP B 72 16.89 7.36 -13.70
CA TRP B 72 16.31 8.39 -14.55
C TRP B 72 17.24 9.57 -14.83
N ASN B 73 18.48 9.48 -14.37
CA ASN B 73 19.44 10.56 -14.58
C ASN B 73 19.72 10.87 -16.03
N GLN B 74 19.80 9.81 -16.85
CA GLN B 74 20.06 9.94 -18.28
C GLN B 74 18.80 9.94 -19.14
N CYS B 75 17.65 10.13 -18.51
CA CYS B 75 16.36 10.16 -19.23
C CYS B 75 16.21 11.55 -19.83
N ASN B 76 15.24 11.74 -20.72
CA ASN B 76 15.06 13.06 -21.28
C ASN B 76 14.03 13.86 -20.50
N TRP B 77 14.55 14.66 -19.59
CA TRP B 77 13.74 15.51 -18.77
C TRP B 77 13.50 16.77 -19.57
N GLN B 78 12.23 17.12 -19.71
CA GLN B 78 11.85 18.32 -20.42
C GLN B 78 10.72 19.05 -19.71
N TRP B 79 10.78 20.37 -19.77
CA TRP B 79 9.76 21.22 -19.21
C TRP B 79 8.71 21.24 -20.32
N SER B 80 7.43 21.13 -19.98
CA SER B 80 6.37 21.10 -21.00
C SER B 80 6.30 22.36 -21.87
N ASN B 81 7.02 23.40 -21.47
CA ASN B 81 7.06 24.64 -22.24
C ASN B 81 8.37 24.75 -23.03
N ALA B 82 9.17 23.69 -22.98
CA ALA B 82 10.45 23.64 -23.69
C ALA B 82 11.48 24.62 -23.15
N ALA B 83 11.37 24.94 -21.87
CA ALA B 83 12.31 25.87 -21.22
C ALA B 83 13.64 25.14 -21.06
N MET B 84 14.73 25.90 -21.10
CA MET B 84 16.06 25.32 -20.93
C MET B 84 16.18 24.86 -19.49
N LEU B 85 16.71 23.67 -19.31
CA LEU B 85 16.92 23.10 -17.99
C LEU B 85 18.25 23.59 -17.41
N ARG B 86 18.29 24.86 -16.99
CA ARG B 86 19.49 25.44 -16.40
C ARG B 86 19.44 25.37 -14.86
N TYR B 87 18.37 25.90 -14.27
CA TYR B 87 18.19 25.89 -12.81
C TYR B 87 17.74 24.52 -12.35
N LYS B 88 18.36 24.03 -11.30
CA LYS B 88 18.04 22.74 -10.73
C LYS B 88 17.69 22.89 -9.24
N ALA B 89 16.73 22.09 -8.77
CA ALA B 89 16.32 22.13 -7.38
C ALA B 89 15.80 20.76 -6.99
N TRP B 90 16.53 19.71 -7.37
CA TRP B 90 16.11 18.34 -7.08
C TRP B 90 16.18 18.09 -5.58
N ALA B 91 15.20 17.35 -5.07
CA ALA B 91 15.16 16.97 -3.67
C ALA B 91 16.25 15.92 -3.51
N GLU B 92 16.21 14.89 -4.37
CA GLU B 92 17.20 13.83 -4.37
C GLU B 92 17.88 13.69 -5.72
N GLU B 93 19.20 13.50 -5.71
CA GLU B 93 20.00 13.41 -6.92
C GLU B 93 19.77 12.20 -7.83
N SER B 94 19.64 11.02 -7.25
CA SER B 94 19.46 9.82 -8.05
C SER B 94 18.59 8.80 -7.34
N TYR B 95 17.90 7.98 -8.12
CA TYR B 95 17.06 6.91 -7.59
C TYR B 95 17.67 5.57 -8.01
N CYS B 96 17.55 4.60 -7.12
CA CYS B 96 18.10 3.27 -7.31
C CYS B 96 16.98 2.25 -7.15
N VAL B 97 17.19 1.05 -7.66
CA VAL B 97 16.22 -0.02 -7.63
C VAL B 97 16.50 -1.03 -6.51
N TYR B 98 15.43 -1.53 -5.92
CA TYR B 98 15.50 -2.50 -4.83
C TYR B 98 14.24 -3.37 -4.84
N PHE B 99 14.29 -4.48 -4.11
CA PHE B 99 13.12 -5.33 -4.00
C PHE B 99 12.82 -5.47 -2.52
N LYS B 100 11.63 -6.00 -2.21
CA LYS B 100 11.21 -6.24 -0.84
C LYS B 100 11.08 -7.75 -0.82
N SER B 101 11.71 -8.38 0.17
CA SER B 101 11.72 -9.85 0.28
C SER B 101 10.38 -10.59 0.23
N THR B 102 9.27 -9.87 0.11
CA THR B 102 7.97 -10.51 0.01
C THR B 102 7.68 -10.92 -1.43
N ASN B 103 8.31 -10.22 -2.37
CA ASN B 103 8.13 -10.51 -3.79
C ASN B 103 9.23 -9.96 -4.71
N ASN B 104 9.13 -10.30 -5.99
CA ASN B 104 10.10 -9.90 -7.02
C ASN B 104 9.74 -8.64 -7.82
N LYS B 105 8.83 -7.82 -7.31
CA LYS B 105 8.46 -6.57 -7.99
C LYS B 105 9.61 -5.57 -7.89
N TRP B 106 9.75 -4.69 -8.88
CA TRP B 106 10.83 -3.70 -8.85
C TRP B 106 10.32 -2.41 -8.23
N ARG B 107 11.12 -1.84 -7.33
CA ARG B 107 10.77 -0.61 -6.64
C ARG B 107 11.94 0.37 -6.72
N SER B 108 11.67 1.64 -6.46
CA SER B 108 12.69 2.68 -6.53
C SER B 108 12.83 3.39 -5.19
N ARG B 109 14.05 3.78 -4.86
CA ARG B 109 14.36 4.42 -3.59
C ARG B 109 15.57 5.32 -3.86
N ALA B 110 15.64 6.48 -3.22
CA ALA B 110 16.78 7.38 -3.42
C ALA B 110 18.05 6.63 -3.02
N CYS B 111 19.06 6.69 -3.87
CA CYS B 111 20.32 6.00 -3.66
C CYS B 111 21.09 6.27 -2.36
N ARG B 112 20.81 7.39 -1.71
CA ARG B 112 21.51 7.76 -0.47
C ARG B 112 20.93 7.06 0.76
N MET B 113 19.75 6.47 0.58
CA MET B 113 19.03 5.77 1.64
C MET B 113 19.65 4.41 1.95
N MET B 114 19.34 3.89 3.14
CA MET B 114 19.86 2.60 3.56
C MET B 114 18.97 1.51 3.04
N ALA B 115 19.57 0.35 2.86
CA ALA B 115 18.86 -0.83 2.43
C ALA B 115 19.84 -1.95 2.62
N GLN B 116 19.31 -3.16 2.80
CA GLN B 116 20.16 -4.33 2.94
C GLN B 116 20.52 -4.72 1.51
N PHE B 117 21.27 -5.80 1.31
CA PHE B 117 21.62 -6.13 -0.05
C PHE B 117 22.08 -7.55 -0.35
N VAL B 118 22.05 -7.90 -1.63
CA VAL B 118 22.48 -9.21 -2.08
C VAL B 118 23.58 -9.01 -3.11
N CYS B 119 24.71 -9.66 -2.88
CA CYS B 119 25.82 -9.59 -3.83
C CYS B 119 25.72 -10.80 -4.73
N GLU B 120 26.32 -10.68 -5.90
CA GLU B 120 26.34 -11.76 -6.87
C GLU B 120 27.67 -11.76 -7.59
N PHE B 121 28.13 -12.95 -7.94
CA PHE B 121 29.34 -13.12 -8.71
C PHE B 121 29.24 -14.47 -9.43
N GLN B 122 30.10 -14.69 -10.40
CA GLN B 122 30.05 -15.90 -11.20
C GLN B 122 31.15 -16.91 -10.89
N ALA B 123 30.92 -18.15 -11.32
CA ALA B 123 31.84 -19.29 -11.16
C ALA B 123 31.85 -19.88 -9.75
N ASP C 1 -43.26 5.20 7.68
CA ASP C 1 -43.60 6.35 6.81
C ASP C 1 -42.48 6.38 5.78
N CYS C 2 -41.69 7.46 5.77
CA CYS C 2 -40.55 7.58 4.86
C CYS C 2 -40.90 7.49 3.38
N LEU C 3 -39.87 7.30 2.55
CA LEU C 3 -40.02 7.16 1.12
C LEU C 3 -39.63 5.71 0.84
N SER C 4 -40.02 5.17 -0.31
CA SER C 4 -39.72 3.80 -0.67
C SER C 4 -38.23 3.48 -0.69
N GLY C 5 -37.83 2.63 0.26
CA GLY C 5 -36.45 2.24 0.40
C GLY C 5 -35.95 2.58 1.79
N TRP C 6 -36.42 3.71 2.30
CA TRP C 6 -36.03 4.18 3.62
C TRP C 6 -36.88 3.54 4.72
N SER C 7 -36.18 2.99 5.71
CA SER C 7 -36.82 2.32 6.83
C SER C 7 -36.97 3.25 8.03
N SER C 8 -38.08 3.09 8.75
CA SER C 8 -38.36 3.90 9.90
C SER C 8 -37.74 3.34 11.17
N TYR C 9 -37.43 4.25 12.09
CA TYR C 9 -36.89 3.92 13.39
C TYR C 9 -37.09 5.14 14.27
N GLU C 10 -37.84 4.97 15.36
CA GLU C 10 -38.12 6.03 16.31
C GLU C 10 -38.25 7.45 15.73
N GLY C 11 -39.14 7.60 14.77
CA GLY C 11 -39.37 8.92 14.17
C GLY C 11 -38.35 9.41 13.15
N HIS C 12 -37.59 8.48 12.57
CA HIS C 12 -36.59 8.82 11.57
C HIS C 12 -36.63 7.79 10.46
N CYS C 13 -35.96 8.11 9.36
CA CYS C 13 -35.94 7.24 8.20
C CYS C 13 -34.50 7.07 7.77
N TYR C 14 -34.09 5.82 7.54
CA TYR C 14 -32.72 5.51 7.16
C TYR C 14 -32.68 4.68 5.88
N LYS C 15 -31.59 4.83 5.13
CA LYS C 15 -31.38 4.09 3.90
C LYS C 15 -29.90 3.85 3.67
N ALA C 16 -29.54 2.60 3.42
CA ALA C 16 -28.16 2.21 3.15
C ALA C 16 -27.92 2.32 1.64
N PHE C 17 -26.80 2.92 1.25
CA PHE C 17 -26.47 3.09 -0.15
C PHE C 17 -25.20 2.35 -0.49
N GLU C 18 -25.26 1.54 -1.54
CA GLU C 18 -24.09 0.78 -1.98
C GLU C 18 -23.31 1.44 -3.10
N LYS C 19 -23.30 2.76 -3.07
CA LYS C 19 -22.56 3.57 -4.02
C LYS C 19 -21.29 3.82 -3.21
N TYR C 20 -20.13 3.48 -3.78
CA TYR C 20 -18.88 3.67 -3.06
C TYR C 20 -18.36 5.08 -3.29
N LYS C 21 -18.63 5.96 -2.33
CA LYS C 21 -18.19 7.34 -2.44
C LYS C 21 -17.27 7.79 -1.31
N THR C 22 -16.75 9.01 -1.48
CA THR C 22 -15.88 9.62 -0.50
C THR C 22 -16.78 10.37 0.47
N TRP C 23 -16.38 10.42 1.74
CA TRP C 23 -17.16 11.07 2.78
C TRP C 23 -17.86 12.35 2.33
N GLU C 24 -17.10 13.29 1.77
CA GLU C 24 -17.67 14.54 1.33
C GLU C 24 -18.80 14.33 0.34
N ASP C 25 -18.65 13.34 -0.55
CA ASP C 25 -19.64 13.04 -1.59
C ASP C 25 -20.79 12.17 -1.08
N ALA C 26 -20.54 11.36 -0.06
CA ALA C 26 -21.59 10.50 0.50
C ALA C 26 -22.58 11.43 1.19
N GLU C 27 -22.04 12.40 1.92
CA GLU C 27 -22.86 13.38 2.60
C GLU C 27 -23.66 14.15 1.53
N ARG C 28 -23.01 14.44 0.41
CA ARG C 28 -23.62 15.15 -0.73
C ARG C 28 -24.87 14.39 -1.20
N VAL C 29 -24.70 13.10 -1.48
CA VAL C 29 -25.81 12.26 -1.92
C VAL C 29 -27.00 12.34 -0.96
N CYS C 30 -26.74 12.14 0.32
CA CYS C 30 -27.79 12.19 1.35
C CYS C 30 -28.56 13.50 1.35
N THR C 31 -27.85 14.60 1.09
CA THR C 31 -28.50 15.91 1.05
C THR C 31 -29.36 16.07 -0.21
N GLU C 32 -28.93 15.47 -1.32
CA GLU C 32 -29.67 15.53 -2.57
C GLU C 32 -30.91 14.64 -2.47
N GLN C 33 -30.75 13.55 -1.73
CA GLN C 33 -31.75 12.50 -1.55
C GLN C 33 -33.05 12.69 -0.74
N ALA C 34 -33.09 13.59 0.24
CA ALA C 34 -34.31 13.74 1.03
C ALA C 34 -34.46 15.02 1.84
N LYS C 35 -35.56 15.11 2.59
CA LYS C 35 -35.89 16.27 3.41
C LYS C 35 -34.80 16.61 4.44
N GLY C 36 -33.73 17.20 3.96
CA GLY C 36 -32.63 17.58 4.84
C GLY C 36 -31.97 16.37 5.45
N ALA C 37 -31.85 15.30 4.66
CA ALA C 37 -31.20 14.09 5.11
C ALA C 37 -29.70 14.31 5.19
N HIS C 38 -29.02 13.44 5.91
CA HIS C 38 -27.57 13.49 6.10
C HIS C 38 -27.03 12.09 6.33
N LEU C 39 -25.72 11.99 6.52
CA LEU C 39 -25.13 10.69 6.83
C LEU C 39 -25.65 10.42 8.24
N VAL C 40 -25.95 9.16 8.51
CA VAL C 40 -26.48 8.73 9.79
C VAL C 40 -25.72 9.22 11.04
N SER C 41 -26.50 9.54 12.08
CA SER C 41 -25.98 9.97 13.36
C SER C 41 -26.43 8.94 14.40
N ILE C 42 -25.48 8.22 14.97
CA ILE C 42 -25.79 7.19 15.97
C ILE C 42 -25.85 7.94 17.29
N GLU C 43 -27.04 8.08 17.85
CA GLU C 43 -27.20 8.82 19.09
C GLU C 43 -27.59 8.00 20.32
N SER C 44 -27.60 6.68 20.17
CA SER C 44 -27.94 5.77 21.26
C SER C 44 -27.57 4.38 20.80
N SER C 45 -27.48 3.45 21.75
CA SER C 45 -27.13 2.07 21.42
C SER C 45 -28.24 1.39 20.64
N GLY C 46 -29.48 1.79 20.88
CA GLY C 46 -30.61 1.21 20.18
C GLY C 46 -30.48 1.55 18.70
N GLU C 47 -30.07 2.78 18.45
CA GLU C 47 -29.88 3.23 17.09
C GLU C 47 -28.67 2.50 16.50
N ALA C 48 -27.65 2.27 17.32
CA ALA C 48 -26.44 1.59 16.89
C ALA C 48 -26.81 0.20 16.38
N ASP C 49 -27.69 -0.48 17.10
CA ASP C 49 -28.14 -1.80 16.73
C ASP C 49 -28.95 -1.70 15.44
N PHE C 50 -29.86 -0.72 15.38
CA PHE C 50 -30.71 -0.53 14.20
C PHE C 50 -29.91 -0.40 12.91
N VAL C 51 -28.95 0.53 12.91
CA VAL C 51 -28.11 0.75 11.76
C VAL C 51 -27.33 -0.51 11.38
N ALA C 52 -26.84 -1.23 12.38
CA ALA C 52 -26.07 -2.47 12.13
C ALA C 52 -26.94 -3.50 11.43
N GLN C 53 -28.16 -3.67 11.93
CA GLN C 53 -29.13 -4.60 11.38
C GLN C 53 -29.48 -4.18 9.94
N LEU C 54 -29.66 -2.88 9.74
CA LEU C 54 -29.98 -2.31 8.42
C LEU C 54 -28.88 -2.61 7.40
N VAL C 55 -27.64 -2.33 7.78
CA VAL C 55 -26.46 -2.55 6.93
C VAL C 55 -26.34 -3.99 6.48
N THR C 56 -26.46 -4.92 7.41
CA THR C 56 -26.34 -6.34 7.12
C THR C 56 -27.51 -6.86 6.30
N GLN C 57 -28.71 -6.44 6.64
CA GLN C 57 -29.93 -6.87 5.96
C GLN C 57 -30.04 -6.44 4.50
N ASN C 58 -29.76 -5.17 4.22
CA ASN C 58 -29.88 -4.63 2.86
C ASN C 58 -28.61 -4.58 2.03
N MET C 59 -27.49 -5.09 2.54
CA MET C 59 -26.27 -4.98 1.76
C MET C 59 -25.57 -6.25 1.25
N LYS C 60 -25.08 -6.15 0.02
CA LYS C 60 -24.37 -7.21 -0.67
C LYS C 60 -22.98 -7.45 -0.08
N ARG C 61 -22.05 -6.54 -0.33
CA ARG C 61 -20.69 -6.67 0.17
C ARG C 61 -20.42 -6.05 1.53
N LEU C 62 -20.57 -6.86 2.58
CA LEU C 62 -20.33 -6.40 3.95
C LEU C 62 -18.84 -6.46 4.32
N ASP C 63 -17.97 -6.31 3.34
CA ASP C 63 -16.54 -6.37 3.59
C ASP C 63 -15.81 -5.04 3.42
N PHE C 64 -16.53 -3.95 3.69
CA PHE C 64 -15.98 -2.60 3.59
C PHE C 64 -16.30 -1.81 4.85
N TYR C 65 -15.99 -0.52 4.83
CA TYR C 65 -16.28 0.37 5.95
C TYR C 65 -17.49 1.12 5.49
N ILE C 66 -18.40 1.38 6.42
CA ILE C 66 -19.60 2.10 6.06
C ILE C 66 -19.67 3.43 6.83
N TRP C 67 -19.67 4.52 6.06
CA TRP C 67 -19.69 5.88 6.60
C TRP C 67 -20.85 6.27 7.50
N ILE C 68 -20.51 6.95 8.59
CA ILE C 68 -21.48 7.52 9.54
C ILE C 68 -21.14 9.02 9.49
N GLY C 69 -22.03 9.86 9.99
CA GLY C 69 -21.79 11.28 9.91
C GLY C 69 -20.88 11.99 10.90
N LEU C 70 -19.98 11.28 11.57
CA LEU C 70 -19.11 11.93 12.53
C LEU C 70 -17.71 12.04 11.95
N ARG C 71 -17.16 13.25 12.00
CA ARG C 71 -15.82 13.52 11.50
C ARG C 71 -15.27 14.74 12.24
N VAL C 72 -14.00 15.05 12.01
CA VAL C 72 -13.40 16.21 12.64
C VAL C 72 -13.72 17.45 11.83
N GLN C 73 -14.35 18.41 12.48
CA GLN C 73 -14.69 19.66 11.82
C GLN C 73 -13.43 20.52 11.84
N GLY C 74 -13.03 21.04 10.70
CA GLY C 74 -11.83 21.87 10.64
C GLY C 74 -10.68 21.07 10.11
N LYS C 75 -9.97 21.61 9.13
CA LYS C 75 -8.85 20.90 8.52
C LYS C 75 -7.62 20.93 9.40
N VAL C 76 -7.48 19.89 10.23
CA VAL C 76 -6.36 19.75 11.15
C VAL C 76 -5.79 18.35 10.91
N LYS C 77 -4.49 18.20 11.08
CA LYS C 77 -3.85 16.89 10.88
C LYS C 77 -3.97 16.10 12.18
N GLN C 78 -3.59 16.75 13.27
CA GLN C 78 -3.66 16.18 14.61
C GLN C 78 -4.06 17.37 15.48
N CYS C 79 -4.68 17.10 16.62
CA CYS C 79 -5.12 18.17 17.51
C CYS C 79 -4.24 18.35 18.75
N ASN C 80 -3.35 17.39 18.99
CA ASN C 80 -2.44 17.48 20.12
C ASN C 80 -1.27 18.34 19.66
N SER C 81 -1.12 19.52 20.28
CA SER C 81 -0.05 20.44 19.91
C SER C 81 1.28 20.22 20.60
N GLU C 82 1.41 19.20 21.44
CA GLU C 82 2.66 18.96 22.13
C GLU C 82 3.21 17.54 22.11
N TRP C 83 4.53 17.45 21.99
CA TRP C 83 5.23 16.18 22.01
C TRP C 83 5.34 15.82 23.47
N SER C 84 5.66 14.56 23.76
CA SER C 84 5.78 14.11 25.14
C SER C 84 6.84 14.90 25.93
N ASP C 85 7.87 15.37 25.25
CA ASP C 85 8.90 16.16 25.92
C ASP C 85 8.54 17.63 25.80
N GLY C 86 7.31 17.95 26.17
CA GLY C 86 6.78 19.30 26.14
C GLY C 86 6.95 20.23 24.94
N SER C 87 7.67 19.83 23.91
CA SER C 87 7.87 20.72 22.79
C SER C 87 6.61 20.86 21.93
N SER C 88 6.49 22.01 21.26
CA SER C 88 5.36 22.31 20.41
C SER C 88 5.51 21.69 19.02
N VAL C 89 4.47 20.98 18.61
CA VAL C 89 4.45 20.32 17.31
C VAL C 89 4.34 21.40 16.24
N SER C 90 5.46 21.63 15.55
CA SER C 90 5.53 22.62 14.48
C SER C 90 5.70 21.88 13.15
N TYR C 91 6.82 21.17 13.02
CA TYR C 91 7.14 20.40 11.83
C TYR C 91 6.29 19.13 11.81
N GLU C 92 5.64 18.88 10.67
CA GLU C 92 4.81 17.70 10.49
C GLU C 92 5.14 17.07 9.13
N ASN C 93 5.00 15.75 9.05
CA ASN C 93 5.27 15.03 7.81
C ASN C 93 4.27 13.90 7.67
N TRP C 94 3.00 14.23 7.85
CA TRP C 94 1.91 13.26 7.74
C TRP C 94 1.68 12.77 6.32
N ILE C 95 1.32 11.50 6.18
CA ILE C 95 0.94 10.95 4.88
C ILE C 95 -0.54 11.32 4.97
N GLU C 96 -1.05 12.11 4.03
CA GLU C 96 -2.44 12.54 4.08
C GLU C 96 -3.48 11.45 4.38
N ALA C 97 -3.22 10.22 3.93
CA ALA C 97 -4.15 9.11 4.17
C ALA C 97 -4.02 8.54 5.59
N GLU C 98 -2.98 8.96 6.28
CA GLU C 98 -2.74 8.52 7.65
C GLU C 98 -3.55 9.31 8.68
N SER C 99 -4.15 10.41 8.27
CA SER C 99 -5.01 11.20 9.14
C SER C 99 -6.41 10.61 8.99
N LYS C 100 -6.75 9.70 9.89
CA LYS C 100 -8.04 9.03 9.89
C LYS C 100 -9.02 9.83 10.73
N THR C 101 -9.47 10.95 10.18
CA THR C 101 -10.39 11.82 10.89
C THR C 101 -11.88 11.62 10.57
N CYS C 102 -12.19 10.53 9.87
CA CYS C 102 -13.57 10.19 9.54
C CYS C 102 -13.86 8.86 10.20
N LEU C 103 -15.13 8.60 10.45
CA LEU C 103 -15.53 7.39 11.14
C LEU C 103 -16.44 6.50 10.31
N GLY C 104 -16.32 5.20 10.51
CA GLY C 104 -17.14 4.25 9.80
C GLY C 104 -17.33 3.00 10.60
N LEU C 105 -18.28 2.17 10.17
CA LEU C 105 -18.57 0.90 10.83
C LEU C 105 -17.92 -0.20 9.98
N GLU C 106 -17.61 -1.35 10.58
CA GLU C 106 -17.01 -2.46 9.84
C GLU C 106 -17.46 -3.79 10.43
N LYS C 107 -17.32 -4.86 9.64
CA LYS C 107 -17.73 -6.20 10.04
C LYS C 107 -17.09 -6.70 11.33
N GLU C 108 -15.78 -6.52 11.47
CA GLU C 108 -15.07 -7.00 12.65
C GLU C 108 -15.77 -6.62 13.94
N THR C 109 -16.16 -5.35 14.03
CA THR C 109 -16.83 -4.83 15.21
C THR C 109 -18.35 -4.84 15.08
N ASP C 110 -18.86 -5.82 14.35
CA ASP C 110 -20.30 -6.03 14.14
C ASP C 110 -21.10 -4.78 13.77
N PHE C 111 -20.47 -3.89 13.00
CA PHE C 111 -21.11 -2.65 12.54
C PHE C 111 -21.69 -1.79 13.67
N ARG C 112 -21.16 -1.97 14.88
CA ARG C 112 -21.66 -1.23 16.03
C ARG C 112 -20.68 -0.26 16.65
N LYS C 113 -19.39 -0.45 16.37
CA LYS C 113 -18.37 0.45 16.86
C LYS C 113 -17.85 1.30 15.70
N TRP C 114 -17.37 2.49 16.04
CA TRP C 114 -16.88 3.43 15.05
C TRP C 114 -15.37 3.34 14.94
N VAL C 115 -14.88 3.16 13.72
CA VAL C 115 -13.45 3.07 13.48
C VAL C 115 -12.98 4.31 12.73
N ASN C 116 -11.76 4.74 13.03
CA ASN C 116 -11.17 5.91 12.39
C ASN C 116 -10.62 5.51 11.02
N ILE C 117 -11.05 6.19 9.97
CA ILE C 117 -10.56 5.92 8.62
C ILE C 117 -10.38 7.21 7.85
N TYR C 118 -9.51 7.16 6.86
CA TYR C 118 -9.19 8.30 6.03
C TYR C 118 -10.44 8.75 5.28
N CYS C 119 -10.73 10.04 5.34
CA CYS C 119 -11.91 10.59 4.68
C CYS C 119 -11.97 10.44 3.16
N GLY C 120 -10.82 10.21 2.54
CA GLY C 120 -10.74 10.06 1.10
C GLY C 120 -11.08 8.67 0.57
N GLN C 121 -11.28 7.71 1.46
CA GLN C 121 -11.63 6.37 1.05
C GLN C 121 -12.95 6.45 0.31
N GLN C 122 -13.28 5.38 -0.40
CA GLN C 122 -14.54 5.31 -1.10
C GLN C 122 -15.24 4.13 -0.45
N ASN C 123 -16.33 4.43 0.26
CA ASN C 123 -17.06 3.41 0.99
C ASN C 123 -18.56 3.61 0.86
N PRO C 124 -19.32 2.55 1.14
CA PRO C 124 -20.79 2.66 1.08
C PRO C 124 -21.21 3.53 2.30
N PHE C 125 -22.50 3.85 2.41
CA PHE C 125 -22.94 4.69 3.50
C PHE C 125 -24.42 4.49 3.87
N VAL C 126 -24.85 5.19 4.93
CA VAL C 126 -26.23 5.15 5.39
C VAL C 126 -26.69 6.57 5.62
N CYS C 127 -27.86 6.91 5.10
CA CYS C 127 -28.42 8.23 5.24
C CYS C 127 -29.55 8.22 6.25
N GLU C 128 -29.90 9.39 6.76
CA GLU C 128 -30.95 9.51 7.74
C GLU C 128 -31.69 10.83 7.58
N ALA C 129 -33.01 10.75 7.74
CA ALA C 129 -33.89 11.90 7.62
C ALA C 129 -34.86 11.75 8.80
N ASP D 1 25.05 13.96 28.01
CA ASP D 1 25.97 13.43 26.97
C ASP D 1 25.67 11.97 26.68
N CYS D 2 26.04 11.53 25.48
CA CYS D 2 25.78 10.18 25.03
C CYS D 2 26.60 9.05 25.63
N PRO D 3 25.94 8.16 26.39
CA PRO D 3 26.54 7.00 27.04
C PRO D 3 26.80 5.92 25.99
N SER D 4 27.15 4.74 26.48
CA SER D 4 27.40 3.61 25.59
C SER D 4 26.06 3.29 24.91
N ASP D 5 26.11 3.13 23.58
CA ASP D 5 24.94 2.82 22.75
C ASP D 5 24.13 3.99 22.20
N TRP D 6 24.11 5.12 22.89
CA TRP D 6 23.35 6.28 22.44
C TRP D 6 24.07 7.10 21.38
N SER D 7 23.35 7.49 20.34
CA SER D 7 23.91 8.26 19.25
C SER D 7 23.56 9.74 19.36
N SER D 8 24.57 10.59 19.15
CA SER D 8 24.40 12.03 19.23
C SER D 8 24.04 12.74 17.93
N TYR D 9 23.15 13.72 18.05
CA TYR D 9 22.72 14.53 16.93
C TYR D 9 22.25 15.87 17.50
N GLU D 10 22.97 16.94 17.18
CA GLU D 10 22.62 18.29 17.64
C GLU D 10 22.40 18.38 19.16
N GLY D 11 23.35 17.88 19.93
CA GLY D 11 23.24 17.92 21.39
C GLY D 11 22.08 17.14 21.98
N HIS D 12 21.74 16.02 21.34
CA HIS D 12 20.66 15.15 21.81
C HIS D 12 21.09 13.71 21.60
N CYS D 13 20.64 12.84 22.48
CA CYS D 13 20.97 11.43 22.40
C CYS D 13 19.75 10.62 22.00
N TYR D 14 19.96 9.68 21.08
CA TYR D 14 18.90 8.82 20.58
C TYR D 14 19.37 7.37 20.60
N LYS D 15 18.45 6.46 20.89
CA LYS D 15 18.76 5.04 20.94
C LYS D 15 17.49 4.24 20.65
N PRO D 16 17.54 3.38 19.62
CA PRO D 16 16.38 2.54 19.25
C PRO D 16 16.34 1.29 20.11
N PHE D 17 15.14 0.90 20.54
CA PHE D 17 14.95 -0.30 21.35
C PHE D 17 14.10 -1.30 20.56
N SER D 18 14.35 -2.58 20.77
CA SER D 18 13.63 -3.62 20.06
C SER D 18 12.56 -4.38 20.83
N GLU D 19 12.34 -4.02 22.10
CA GLU D 19 11.29 -4.70 22.87
C GLU D 19 10.00 -3.97 22.51
N PRO D 20 9.08 -4.67 21.81
CA PRO D 20 7.82 -4.04 21.42
C PRO D 20 6.98 -3.69 22.65
N LYS D 21 6.53 -2.45 22.69
CA LYS D 21 5.69 -1.95 23.76
C LYS D 21 4.62 -1.09 23.11
N ASN D 22 3.53 -0.86 23.83
CA ASN D 22 2.50 0.01 23.31
C ASN D 22 3.01 1.42 23.59
N TRP D 23 2.29 2.45 23.15
CA TRP D 23 2.77 3.81 23.35
C TRP D 23 3.02 4.22 24.79
N ALA D 24 2.04 4.02 25.66
CA ALA D 24 2.16 4.40 27.06
C ALA D 24 3.40 3.80 27.71
N ASP D 25 3.57 2.51 27.51
CA ASP D 25 4.71 1.79 28.07
C ASP D 25 6.06 2.20 27.47
N ALA D 26 6.08 2.47 26.16
CA ALA D 26 7.31 2.88 25.48
C ALA D 26 7.80 4.21 26.05
N GLU D 27 6.89 5.16 26.18
CA GLU D 27 7.18 6.48 26.71
C GLU D 27 7.74 6.40 28.14
N ASN D 28 7.11 5.59 28.99
CA ASN D 28 7.53 5.41 30.38
C ASN D 28 8.91 4.75 30.44
N PHE D 29 9.13 3.77 29.57
CA PHE D 29 10.40 3.07 29.51
C PHE D 29 11.50 4.07 29.16
N CYS D 30 11.18 4.99 28.26
CA CYS D 30 12.12 6.02 27.86
C CYS D 30 12.46 6.95 29.02
N THR D 31 11.45 7.31 29.81
CA THR D 31 11.63 8.22 30.95
C THR D 31 12.53 7.69 32.07
N GLN D 32 12.58 6.38 32.22
CA GLN D 32 13.41 5.78 33.25
C GLN D 32 14.62 5.10 32.65
N GLN D 33 15.08 5.64 31.53
CA GLN D 33 16.26 5.10 30.84
C GLN D 33 17.34 6.17 30.91
N HIS D 34 16.97 7.35 31.39
CA HIS D 34 17.88 8.48 31.52
C HIS D 34 17.01 9.67 31.89
N ALA D 35 17.57 10.59 32.67
CA ALA D 35 16.82 11.77 33.07
C ALA D 35 16.53 12.53 31.79
N GLY D 36 15.30 13.01 31.64
CA GLY D 36 14.93 13.76 30.45
C GLY D 36 14.68 12.83 29.26
N GLY D 37 14.68 11.52 29.52
CA GLY D 37 14.45 10.54 28.47
C GLY D 37 12.98 10.56 28.10
N HIS D 38 12.71 10.52 26.80
CA HIS D 38 11.34 10.52 26.28
C HIS D 38 11.34 9.78 24.96
N LEU D 39 10.18 9.80 24.31
CA LEU D 39 10.03 9.16 23.01
C LEU D 39 10.55 10.20 22.01
N VAL D 40 11.22 9.75 20.96
CA VAL D 40 11.78 10.65 19.96
C VAL D 40 10.74 11.65 19.42
N SER D 41 11.15 12.92 19.38
CA SER D 41 10.32 14.01 18.89
C SER D 41 11.00 14.63 17.68
N PHE D 42 10.30 14.69 16.56
CA PHE D 42 10.87 15.26 15.33
C PHE D 42 10.56 16.75 15.25
N GLN D 43 11.60 17.55 15.08
CA GLN D 43 11.43 19.00 14.97
C GLN D 43 12.07 19.56 13.71
N SER D 44 12.39 18.67 12.78
CA SER D 44 13.01 19.02 11.50
C SER D 44 13.12 17.75 10.66
N SER D 45 13.28 17.90 9.36
CA SER D 45 13.39 16.75 8.47
C SER D 45 14.74 16.02 8.57
N GLU D 46 15.81 16.77 8.80
CA GLU D 46 17.14 16.15 8.92
C GLU D 46 17.18 15.31 10.19
N GLU D 47 16.51 15.79 11.24
CA GLU D 47 16.48 15.05 12.50
C GLU D 47 15.77 13.72 12.28
N ALA D 48 14.66 13.78 11.54
CA ALA D 48 13.89 12.60 11.21
C ALA D 48 14.72 11.66 10.35
N ASP D 49 15.43 12.23 9.36
CA ASP D 49 16.29 11.42 8.49
C ASP D 49 17.29 10.63 9.33
N PHE D 50 17.95 11.33 10.27
CA PHE D 50 18.94 10.73 11.16
C PHE D 50 18.34 9.55 11.92
N VAL D 51 17.25 9.83 12.64
CA VAL D 51 16.56 8.83 13.44
C VAL D 51 16.09 7.66 12.61
N VAL D 52 15.53 7.93 11.44
CA VAL D 52 15.04 6.87 10.57
C VAL D 52 16.20 5.99 10.15
N LYS D 53 17.30 6.62 9.74
CA LYS D 53 18.51 5.92 9.31
C LYS D 53 19.04 5.07 10.48
N LEU D 54 19.04 5.67 11.66
CA LEU D 54 19.50 5.02 12.89
C LEU D 54 18.66 3.77 13.13
N ALA D 55 17.36 3.94 13.05
CA ALA D 55 16.39 2.88 13.25
C ALA D 55 16.58 1.75 12.25
N PHE D 56 16.84 2.08 10.99
CA PHE D 56 17.03 1.04 9.98
C PHE D 56 18.38 0.37 10.18
N GLN D 57 19.41 1.16 10.45
CA GLN D 57 20.75 0.62 10.67
C GLN D 57 20.80 -0.34 11.85
N THR D 58 20.10 0.02 12.93
CA THR D 58 20.08 -0.81 14.11
C THR D 58 19.13 -2.00 14.00
N PHE D 59 17.86 -1.75 13.64
CA PHE D 59 16.87 -2.83 13.57
C PHE D 59 16.23 -3.20 12.24
N GLY D 60 16.72 -2.65 11.14
CA GLY D 60 16.15 -2.99 9.86
C GLY D 60 14.76 -2.45 9.57
N HIS D 61 13.98 -3.24 8.84
CA HIS D 61 12.64 -2.90 8.40
C HIS D 61 11.54 -3.10 9.45
N SER D 62 11.20 -2.04 10.19
CA SER D 62 10.14 -2.14 11.20
C SER D 62 9.36 -0.84 11.42
N ILE D 63 8.52 -0.84 12.44
CA ILE D 63 7.70 0.31 12.81
C ILE D 63 8.11 0.83 14.21
N PHE D 64 8.24 2.15 14.35
CA PHE D 64 8.69 2.74 15.59
C PHE D 64 7.85 3.92 16.07
N TRP D 65 7.52 3.93 17.36
CA TRP D 65 6.74 5.01 17.96
C TRP D 65 7.47 6.35 17.98
N MET D 66 6.68 7.42 18.00
CA MET D 66 7.18 8.78 18.07
C MET D 66 6.46 9.39 19.27
N GLY D 67 7.00 10.47 19.84
CA GLY D 67 6.42 11.08 21.03
C GLY D 67 5.10 11.83 20.92
N LEU D 68 4.20 11.40 20.04
CA LEU D 68 2.93 12.09 19.86
C LEU D 68 1.77 11.10 20.02
N SER D 69 0.85 11.41 20.93
CA SER D 69 -0.26 10.51 21.20
C SER D 69 -1.59 11.22 21.34
N ASN D 70 -2.65 10.43 21.47
CA ASN D 70 -4.03 10.91 21.59
C ASN D 70 -4.21 12.03 20.59
N VAL D 71 -3.75 11.70 19.39
CA VAL D 71 -3.71 12.54 18.22
C VAL D 71 -4.99 13.31 17.88
N TRP D 72 -6.14 12.65 17.99
CA TRP D 72 -7.39 13.32 17.66
C TRP D 72 -8.40 13.36 18.80
N ASN D 73 -8.00 12.90 19.98
CA ASN D 73 -8.92 12.86 21.11
C ASN D 73 -9.45 14.24 21.48
N GLN D 74 -8.61 15.26 21.37
CA GLN D 74 -9.01 16.60 21.71
C GLN D 74 -9.55 17.38 20.52
N CYS D 75 -9.86 16.69 19.42
CA CYS D 75 -10.37 17.34 18.22
C CYS D 75 -11.84 17.73 18.32
N ASN D 76 -12.31 18.54 17.39
CA ASN D 76 -13.71 18.95 17.38
C ASN D 76 -14.56 18.01 16.50
N TRP D 77 -14.96 16.88 17.07
CA TRP D 77 -15.77 15.90 16.37
C TRP D 77 -17.22 16.35 16.33
N GLN D 78 -17.76 16.56 15.14
CA GLN D 78 -19.15 16.99 14.99
C GLN D 78 -19.94 16.14 13.99
N TRP D 79 -21.21 15.91 14.29
CA TRP D 79 -22.10 15.15 13.42
C TRP D 79 -22.46 16.08 12.26
N SER D 80 -22.69 15.52 11.08
CA SER D 80 -23.04 16.32 9.92
C SER D 80 -24.46 16.89 10.03
N ASN D 81 -25.30 16.26 10.84
CA ASN D 81 -26.68 16.73 11.00
C ASN D 81 -26.82 17.62 12.24
N ALA D 82 -25.68 17.96 12.84
CA ALA D 82 -25.56 18.80 14.03
C ALA D 82 -26.23 18.20 15.27
N ALA D 83 -26.27 16.88 15.31
CA ALA D 83 -26.82 16.18 16.45
C ALA D 83 -25.85 16.37 17.62
N MET D 84 -26.37 16.19 18.83
CA MET D 84 -25.59 16.36 20.04
C MET D 84 -24.76 15.10 20.30
N LEU D 85 -23.45 15.27 20.44
CA LEU D 85 -22.57 14.14 20.71
C LEU D 85 -22.61 13.82 22.21
N ARG D 86 -23.26 12.71 22.55
CA ARG D 86 -23.37 12.25 23.92
C ARG D 86 -22.98 10.78 23.96
N TYR D 87 -23.63 10.00 23.09
CA TYR D 87 -23.35 8.57 22.99
C TYR D 87 -22.13 8.46 22.09
N LYS D 88 -21.18 7.63 22.48
CA LYS D 88 -19.97 7.42 21.68
C LYS D 88 -19.51 5.97 21.82
N ALA D 89 -19.22 5.35 20.67
CA ALA D 89 -18.79 3.96 20.62
C ALA D 89 -17.55 3.78 19.76
N TRP D 90 -16.50 4.52 20.07
CA TRP D 90 -15.26 4.39 19.32
C TRP D 90 -14.74 2.99 19.56
N ALA D 91 -14.31 2.34 18.49
CA ALA D 91 -13.76 0.99 18.57
C ALA D 91 -12.37 1.09 19.16
N GLU D 92 -11.76 2.25 19.02
CA GLU D 92 -10.41 2.51 19.52
C GLU D 92 -10.32 3.79 20.31
N GLU D 93 -9.75 3.69 21.50
CA GLU D 93 -9.58 4.80 22.43
C GLU D 93 -8.74 5.97 21.91
N SER D 94 -7.53 5.68 21.45
CA SER D 94 -6.66 6.74 20.94
C SER D 94 -5.72 6.21 19.86
N TYR D 95 -5.12 7.13 19.13
CA TYR D 95 -4.18 6.83 18.06
C TYR D 95 -2.89 7.59 18.30
N CYS D 96 -1.77 6.89 18.14
CA CYS D 96 -0.47 7.47 18.35
C CYS D 96 0.28 7.50 17.03
N VAL D 97 1.30 8.35 16.96
CA VAL D 97 2.11 8.50 15.76
C VAL D 97 3.34 7.58 15.79
N TYR D 98 3.62 6.97 14.65
CA TYR D 98 4.77 6.08 14.50
C TYR D 98 5.33 6.30 13.11
N PHE D 99 6.58 5.90 12.90
CA PHE D 99 7.23 6.02 11.62
C PHE D 99 7.71 4.64 11.22
N LYS D 100 7.95 4.44 9.93
CA LYS D 100 8.41 3.17 9.42
C LYS D 100 9.85 3.46 9.02
N SER D 101 10.81 2.64 9.46
CA SER D 101 12.23 2.87 9.16
C SER D 101 12.60 2.96 7.68
N THR D 102 11.58 2.88 6.85
CA THR D 102 11.70 2.95 5.41
C THR D 102 11.76 4.37 4.87
N ASN D 103 11.10 5.30 5.57
CA ASN D 103 11.06 6.72 5.18
C ASN D 103 10.67 7.50 6.42
N ASN D 104 10.68 8.82 6.35
CA ASN D 104 10.34 9.63 7.51
C ASN D 104 8.91 10.17 7.55
N LYS D 105 8.00 9.49 6.87
CA LYS D 105 6.60 9.89 6.86
C LYS D 105 5.95 9.40 8.14
N TRP D 106 5.02 10.21 8.66
CA TRP D 106 4.30 9.89 9.88
C TRP D 106 3.09 9.03 9.55
N ARG D 107 2.83 8.07 10.43
CA ARG D 107 1.73 7.14 10.29
C ARG D 107 1.04 7.04 11.66
N SER D 108 -0.23 6.68 11.66
CA SER D 108 -1.02 6.59 12.87
C SER D 108 -1.34 5.13 13.21
N ARG D 109 -1.52 4.85 14.50
CA ARG D 109 -1.78 3.50 14.98
C ARG D 109 -2.41 3.56 16.39
N ALA D 110 -3.31 2.63 16.69
CA ALA D 110 -3.96 2.58 18.01
C ALA D 110 -2.89 2.46 19.09
N CYS D 111 -2.83 3.43 19.98
CA CYS D 111 -1.83 3.47 21.05
C CYS D 111 -1.56 2.19 21.87
N ARG D 112 -2.56 1.32 21.96
CA ARG D 112 -2.42 0.08 22.69
C ARG D 112 -1.74 -1.01 21.86
N MET D 113 -1.41 -0.69 20.61
CA MET D 113 -0.78 -1.64 19.69
C MET D 113 0.71 -1.76 19.93
N MET D 114 1.28 -2.89 19.52
CA MET D 114 2.70 -3.11 19.68
C MET D 114 3.48 -2.32 18.64
N ALA D 115 4.68 -1.88 19.01
CA ALA D 115 5.58 -1.16 18.12
C ALA D 115 6.93 -1.00 18.81
N GLN D 116 7.99 -0.92 18.01
CA GLN D 116 9.32 -0.71 18.55
C GLN D 116 9.41 0.79 18.75
N PHE D 117 10.53 1.30 19.24
CA PHE D 117 10.63 2.74 19.48
C PHE D 117 12.06 3.26 19.58
N VAL D 118 12.17 4.58 19.68
CA VAL D 118 13.44 5.26 19.81
C VAL D 118 13.29 6.31 20.92
N CYS D 119 14.16 6.26 21.91
CA CYS D 119 14.10 7.23 23.00
C CYS D 119 15.05 8.38 22.67
N GLU D 120 14.86 9.52 23.33
CA GLU D 120 15.68 10.69 23.08
C GLU D 120 15.79 11.53 24.33
N PHE D 121 16.96 12.14 24.53
CA PHE D 121 17.17 13.03 25.67
C PHE D 121 18.14 14.14 25.27
N GLN D 122 18.04 15.30 25.92
CA GLN D 122 18.90 16.44 25.60
C GLN D 122 20.18 16.50 26.43
N ALA D 123 21.21 17.10 25.82
CA ALA D 123 22.53 17.30 26.41
C ALA D 123 23.37 16.06 26.68
N ASP E 1 -18.02 -14.50 -40.46
CA ASP E 1 -16.73 -13.75 -40.46
C ASP E 1 -16.74 -12.80 -39.26
N CYS E 2 -15.81 -11.85 -39.23
CA CYS E 2 -15.73 -10.89 -38.12
C CYS E 2 -16.02 -9.46 -38.50
N LEU E 3 -16.44 -8.69 -37.50
CA LEU E 3 -16.74 -7.27 -37.66
C LEU E 3 -15.41 -6.53 -37.82
N SER E 4 -15.47 -5.32 -38.35
CA SER E 4 -14.27 -4.53 -38.53
C SER E 4 -13.58 -4.34 -37.19
N GLY E 5 -12.29 -4.67 -37.13
CA GLY E 5 -11.51 -4.51 -35.92
C GLY E 5 -11.44 -5.72 -35.00
N TRP E 6 -12.04 -6.82 -35.42
CA TRP E 6 -12.03 -8.04 -34.65
C TRP E 6 -11.25 -9.12 -35.39
N SER E 7 -10.36 -9.80 -34.68
CA SER E 7 -9.53 -10.86 -35.25
C SER E 7 -10.17 -12.24 -35.08
N SER E 8 -10.13 -13.03 -36.13
CA SER E 8 -10.70 -14.36 -36.10
C SER E 8 -9.68 -15.40 -35.70
N TYR E 9 -10.18 -16.42 -35.02
CA TYR E 9 -9.40 -17.56 -34.59
C TYR E 9 -10.38 -18.70 -34.35
N GLU E 10 -10.24 -19.74 -35.15
CA GLU E 10 -11.08 -20.93 -35.08
C GLU E 10 -12.57 -20.70 -34.84
N GLY E 11 -13.17 -19.94 -35.75
CA GLY E 11 -14.60 -19.68 -35.66
C GLY E 11 -15.04 -18.64 -34.67
N HIS E 12 -14.13 -17.89 -34.08
CA HIS E 12 -14.50 -16.84 -33.14
C HIS E 12 -13.82 -15.55 -33.49
N CYS E 13 -14.34 -14.46 -32.94
CA CYS E 13 -13.80 -13.14 -33.17
C CYS E 13 -13.32 -12.59 -31.84
N TYR E 14 -12.18 -11.92 -31.85
CA TYR E 14 -11.62 -11.36 -30.62
C TYR E 14 -11.22 -9.94 -30.88
N LYS E 15 -11.27 -9.14 -29.83
CA LYS E 15 -10.88 -7.75 -29.91
C LYS E 15 -10.39 -7.36 -28.53
N ALA E 16 -9.21 -6.73 -28.51
CA ALA E 16 -8.60 -6.28 -27.28
C ALA E 16 -9.08 -4.85 -27.08
N PHE E 17 -9.43 -4.52 -25.84
CA PHE E 17 -9.88 -3.19 -25.47
C PHE E 17 -8.89 -2.62 -24.46
N GLU E 18 -8.42 -1.41 -24.71
CA GLU E 18 -7.49 -0.76 -23.81
C GLU E 18 -8.16 0.15 -22.80
N LYS E 19 -9.32 -0.28 -22.29
CA LYS E 19 -10.07 0.47 -21.31
C LYS E 19 -9.77 -0.14 -19.94
N TYR E 20 -9.71 0.70 -18.91
CA TYR E 20 -9.45 0.20 -17.57
C TYR E 20 -10.77 0.05 -16.84
N LYS E 21 -11.29 -1.17 -16.89
CA LYS E 21 -12.56 -1.53 -16.27
C LYS E 21 -12.35 -2.68 -15.28
N THR E 22 -13.28 -2.83 -14.33
CA THR E 22 -13.22 -3.91 -13.35
C THR E 22 -13.65 -5.17 -14.09
N TRP E 23 -13.64 -6.32 -13.42
CA TRP E 23 -14.04 -7.54 -14.11
C TRP E 23 -15.50 -7.44 -14.56
N GLU E 24 -16.39 -7.10 -13.63
CA GLU E 24 -17.81 -6.99 -13.96
C GLU E 24 -18.05 -5.95 -15.05
N ASP E 25 -17.36 -4.82 -14.97
CA ASP E 25 -17.53 -3.78 -15.96
C ASP E 25 -16.96 -4.20 -17.31
N ALA E 26 -15.86 -4.95 -17.29
CA ALA E 26 -15.22 -5.41 -18.51
C ALA E 26 -16.15 -6.39 -19.20
N GLU E 27 -16.69 -7.33 -18.43
CA GLU E 27 -17.62 -8.34 -18.92
C GLU E 27 -18.83 -7.66 -19.55
N ARG E 28 -19.27 -6.58 -18.91
CA ARG E 28 -20.41 -5.79 -19.37
C ARG E 28 -20.17 -5.19 -20.76
N VAL E 29 -18.96 -4.66 -20.97
CA VAL E 29 -18.61 -4.06 -22.27
C VAL E 29 -18.60 -5.11 -23.38
N CYS E 30 -18.20 -6.34 -23.04
CA CYS E 30 -18.18 -7.44 -24.02
C CYS E 30 -19.61 -7.80 -24.37
N THR E 31 -20.43 -7.98 -23.34
CA THR E 31 -21.82 -8.33 -23.47
C THR E 31 -22.61 -7.32 -24.31
N GLU E 32 -22.15 -6.06 -24.30
CA GLU E 32 -22.79 -5.01 -25.07
C GLU E 32 -22.35 -5.04 -26.54
N GLN E 33 -21.31 -5.82 -26.82
CA GLN E 33 -20.80 -5.93 -28.19
C GLN E 33 -21.65 -6.85 -29.05
N ALA E 34 -22.15 -7.93 -28.48
CA ALA E 34 -22.96 -8.87 -29.25
C ALA E 34 -23.69 -9.87 -28.39
N LYS E 35 -24.83 -10.35 -28.89
CA LYS E 35 -25.60 -11.35 -28.17
C LYS E 35 -24.73 -12.60 -28.27
N GLY E 36 -24.06 -12.92 -27.17
CA GLY E 36 -23.19 -14.08 -27.15
C GLY E 36 -21.75 -13.73 -26.81
N ALA E 37 -21.39 -12.46 -26.91
CA ALA E 37 -20.04 -12.00 -26.60
C ALA E 37 -19.83 -11.88 -25.08
N HIS E 38 -18.62 -12.22 -24.65
CA HIS E 38 -18.24 -12.17 -23.26
C HIS E 38 -16.74 -11.92 -23.23
N LEU E 39 -16.15 -11.99 -22.04
CA LEU E 39 -14.70 -11.85 -21.93
C LEU E 39 -14.18 -13.14 -22.54
N VAL E 40 -12.93 -13.11 -22.99
CA VAL E 40 -12.33 -14.27 -23.62
C VAL E 40 -12.23 -15.54 -22.75
N SER E 41 -12.56 -16.67 -23.38
CA SER E 41 -12.48 -17.97 -22.74
C SER E 41 -11.32 -18.69 -23.45
N ILE E 42 -10.24 -18.94 -22.73
CA ILE E 42 -9.05 -19.62 -23.25
C ILE E 42 -9.34 -21.11 -23.05
N GLU E 43 -9.55 -21.83 -24.15
CA GLU E 43 -9.93 -23.24 -24.10
C GLU E 43 -8.97 -24.27 -24.72
N SER E 44 -7.80 -23.84 -25.14
CA SER E 44 -6.82 -24.72 -25.74
C SER E 44 -5.50 -23.97 -25.77
N SER E 45 -4.41 -24.65 -26.09
CA SER E 45 -3.09 -24.04 -26.16
C SER E 45 -2.98 -23.05 -27.32
N GLY E 46 -3.44 -23.48 -28.49
CA GLY E 46 -3.41 -22.61 -29.65
C GLY E 46 -4.18 -21.33 -29.40
N GLU E 47 -5.29 -21.42 -28.70
CA GLU E 47 -6.07 -20.22 -28.41
C GLU E 47 -5.32 -19.35 -27.40
N ALA E 48 -4.72 -20.00 -26.41
CA ALA E 48 -3.95 -19.28 -25.40
C ALA E 48 -2.91 -18.40 -26.08
N ASP E 49 -2.18 -18.98 -27.02
CA ASP E 49 -1.13 -18.26 -27.75
C ASP E 49 -1.61 -17.23 -28.75
N PHE E 50 -2.79 -17.45 -29.32
CA PHE E 50 -3.37 -16.49 -30.26
C PHE E 50 -3.64 -15.21 -29.45
N VAL E 51 -4.32 -15.39 -28.32
CA VAL E 51 -4.66 -14.29 -27.44
C VAL E 51 -3.40 -13.59 -26.96
N ALA E 52 -2.40 -14.38 -26.54
CA ALA E 52 -1.12 -13.85 -26.08
C ALA E 52 -0.51 -12.96 -27.16
N GLN E 53 -0.59 -13.43 -28.41
CA GLN E 53 -0.07 -12.72 -29.57
C GLN E 53 -0.92 -11.49 -29.86
N LEU E 54 -2.24 -11.63 -29.70
CA LEU E 54 -3.17 -10.52 -29.96
C LEU E 54 -2.84 -9.35 -29.04
N VAL E 55 -2.70 -9.65 -27.76
CA VAL E 55 -2.41 -8.65 -26.74
C VAL E 55 -1.12 -7.89 -27.03
N THR E 56 -0.04 -8.61 -27.26
CA THR E 56 1.25 -7.98 -27.53
C THR E 56 1.30 -7.24 -28.87
N GLN E 57 0.40 -7.57 -29.77
CA GLN E 57 0.35 -6.91 -31.06
C GLN E 57 -0.62 -5.74 -31.13
N ASN E 58 -1.58 -5.68 -30.19
CA ASN E 58 -2.59 -4.62 -30.21
C ASN E 58 -2.62 -3.62 -29.05
N MET E 59 -2.18 -4.02 -27.87
CA MET E 59 -2.20 -3.13 -26.71
C MET E 59 -0.98 -2.23 -26.66
N LYS E 60 -1.19 -0.92 -26.57
CA LYS E 60 -0.09 0.03 -26.50
C LYS E 60 0.69 -0.02 -25.19
N ARG E 61 0.12 -0.64 -24.16
CA ARG E 61 0.78 -0.77 -22.85
C ARG E 61 0.58 -2.17 -22.27
N LEU E 62 1.68 -2.87 -22.08
CA LEU E 62 1.68 -4.23 -21.55
C LEU E 62 2.02 -4.25 -20.05
N ASP E 63 1.85 -3.09 -19.40
CA ASP E 63 2.14 -2.91 -17.96
C ASP E 63 1.03 -3.36 -17.02
N PHE E 64 -0.07 -3.85 -17.57
CA PHE E 64 -1.17 -4.28 -16.73
C PHE E 64 -1.59 -5.72 -16.98
N TYR E 65 -2.57 -6.16 -16.21
CA TYR E 65 -3.11 -7.50 -16.35
C TYR E 65 -4.24 -7.32 -17.33
N ILE E 66 -4.44 -8.27 -18.22
CA ILE E 66 -5.56 -8.16 -19.14
C ILE E 66 -6.58 -9.22 -18.65
N TRP E 67 -7.81 -8.78 -18.39
CA TRP E 67 -8.87 -9.66 -17.88
C TRP E 67 -9.29 -10.72 -18.87
N ILE E 68 -9.54 -11.92 -18.34
CA ILE E 68 -10.05 -13.01 -19.15
C ILE E 68 -11.32 -13.49 -18.43
N GLY E 69 -12.17 -14.23 -19.13
CA GLY E 69 -13.44 -14.66 -18.57
C GLY E 69 -13.57 -15.63 -17.41
N LEU E 70 -12.46 -16.00 -16.75
CA LEU E 70 -12.54 -16.95 -15.64
C LEU E 70 -12.54 -16.31 -14.24
N ARG E 71 -13.52 -16.72 -13.43
CA ARG E 71 -13.66 -16.23 -12.05
C ARG E 71 -14.52 -17.18 -11.20
N VAL E 72 -14.49 -16.94 -9.90
CA VAL E 72 -15.24 -17.72 -8.93
C VAL E 72 -16.69 -17.27 -8.90
N GLN E 73 -17.61 -18.24 -8.92
CA GLN E 73 -19.03 -17.97 -8.87
C GLN E 73 -19.47 -17.92 -7.41
N GLY E 74 -20.03 -16.79 -7.01
CA GLY E 74 -20.51 -16.64 -5.64
C GLY E 74 -19.82 -15.49 -4.94
N LYS E 75 -20.18 -15.29 -3.67
CA LYS E 75 -19.59 -14.25 -2.87
C LYS E 75 -18.96 -14.95 -1.69
N VAL E 76 -17.87 -15.66 -1.99
CA VAL E 76 -17.11 -16.41 -1.01
C VAL E 76 -15.69 -15.86 -1.08
N LYS E 77 -15.10 -15.59 0.08
CA LYS E 77 -13.75 -15.06 0.10
C LYS E 77 -12.73 -16.18 -0.08
N GLN E 78 -13.12 -17.39 0.30
CA GLN E 78 -12.28 -18.59 0.19
C GLN E 78 -13.22 -19.79 0.27
N CYS E 79 -12.85 -20.89 -0.39
CA CYS E 79 -13.69 -22.07 -0.39
C CYS E 79 -13.21 -23.22 0.47
N ASN E 80 -12.14 -23.00 1.23
CA ASN E 80 -11.69 -24.05 2.11
C ASN E 80 -12.50 -23.80 3.36
N SER E 81 -13.25 -24.81 3.80
CA SER E 81 -14.11 -24.68 4.95
C SER E 81 -13.51 -25.02 6.31
N GLU E 82 -12.30 -25.59 6.32
CA GLU E 82 -11.67 -25.98 7.57
C GLU E 82 -10.22 -25.56 7.69
N TRP E 83 -9.81 -25.27 8.92
CA TRP E 83 -8.44 -24.92 9.20
C TRP E 83 -7.72 -26.27 9.22
N SER E 84 -6.39 -26.26 9.13
CA SER E 84 -5.62 -27.50 9.13
C SER E 84 -5.80 -28.35 10.40
N ASP E 85 -6.35 -27.74 11.46
CA ASP E 85 -6.57 -28.46 12.72
C ASP E 85 -7.93 -29.14 12.82
N GLY E 86 -8.76 -28.96 11.80
CA GLY E 86 -10.07 -29.59 11.80
C GLY E 86 -11.19 -28.60 12.00
N SER E 87 -10.92 -27.54 12.74
CA SER E 87 -11.89 -26.50 13.01
C SER E 87 -12.55 -25.99 11.76
N SER E 88 -13.76 -25.47 11.91
CA SER E 88 -14.51 -24.88 10.81
C SER E 88 -14.11 -23.41 10.72
N VAL E 89 -14.16 -22.84 9.52
CA VAL E 89 -13.83 -21.43 9.37
C VAL E 89 -15.14 -20.67 9.56
N SER E 90 -15.30 -20.09 10.74
CA SER E 90 -16.49 -19.30 11.07
C SER E 90 -16.04 -17.85 10.95
N TYR E 91 -15.10 -17.48 11.82
CA TYR E 91 -14.54 -16.14 11.86
C TYR E 91 -13.54 -15.90 10.73
N GLU E 92 -13.65 -14.74 10.10
CA GLU E 92 -12.73 -14.35 9.04
C GLU E 92 -12.53 -12.84 9.12
N ASN E 93 -11.43 -12.34 8.56
CA ASN E 93 -11.14 -10.91 8.59
C ASN E 93 -10.28 -10.58 7.38
N TRP E 94 -10.80 -10.91 6.20
CA TRP E 94 -10.11 -10.66 4.95
C TRP E 94 -10.03 -9.21 4.55
N ILE E 95 -8.98 -8.85 3.85
CA ILE E 95 -8.90 -7.52 3.29
C ILE E 95 -9.63 -7.82 1.97
N GLU E 96 -10.61 -7.00 1.59
CA GLU E 96 -11.36 -7.25 0.34
C GLU E 96 -10.46 -7.45 -0.89
N ALA E 97 -9.36 -6.70 -0.97
CA ALA E 97 -8.45 -6.80 -2.09
C ALA E 97 -7.57 -8.05 -2.08
N GLU E 98 -7.60 -8.81 -0.99
CA GLU E 98 -6.78 -10.01 -0.91
C GLU E 98 -7.46 -11.21 -1.52
N SER E 99 -8.79 -11.14 -1.69
CA SER E 99 -9.52 -12.25 -2.32
C SER E 99 -9.35 -12.05 -3.81
N LYS E 100 -8.36 -12.75 -4.34
CA LYS E 100 -8.01 -12.71 -5.74
C LYS E 100 -8.72 -13.85 -6.45
N THR E 101 -10.01 -13.65 -6.68
CA THR E 101 -10.85 -14.65 -7.33
C THR E 101 -11.19 -14.40 -8.80
N CYS E 102 -10.44 -13.50 -9.45
CA CYS E 102 -10.61 -13.20 -10.87
C CYS E 102 -9.25 -13.42 -11.51
N LEU E 103 -9.20 -13.74 -12.79
CA LEU E 103 -7.92 -14.01 -13.45
C LEU E 103 -7.55 -13.08 -14.60
N GLY E 104 -6.25 -12.91 -14.78
CA GLY E 104 -5.75 -12.07 -15.86
C GLY E 104 -4.43 -12.57 -16.41
N LEU E 105 -3.99 -11.94 -17.49
CA LEU E 105 -2.74 -12.26 -18.18
C LEU E 105 -1.75 -11.13 -17.88
N GLU E 106 -0.46 -11.45 -17.85
CA GLU E 106 0.55 -10.45 -17.52
C GLU E 106 1.84 -10.73 -18.26
N LYS E 107 2.62 -9.68 -18.50
CA LYS E 107 3.88 -9.75 -19.21
C LYS E 107 4.87 -10.73 -18.57
N GLU E 108 4.95 -10.76 -17.24
CA GLU E 108 5.87 -11.65 -16.54
C GLU E 108 5.78 -13.10 -17.03
N THR E 109 4.61 -13.50 -17.47
CA THR E 109 4.38 -14.85 -17.93
C THR E 109 4.04 -14.93 -19.42
N ASP E 110 4.26 -13.84 -20.13
CA ASP E 110 4.00 -13.76 -21.57
C ASP E 110 2.52 -13.85 -21.99
N PHE E 111 1.62 -13.47 -21.09
CA PHE E 111 0.18 -13.48 -21.35
C PHE E 111 -0.33 -14.86 -21.75
N ARG E 112 0.35 -15.89 -21.26
CA ARG E 112 0.00 -17.27 -21.55
C ARG E 112 -0.48 -17.98 -20.31
N LYS E 113 -0.12 -17.43 -19.15
CA LYS E 113 -0.53 -17.98 -17.86
C LYS E 113 -1.56 -17.06 -17.22
N TRP E 114 -2.48 -17.65 -16.45
CA TRP E 114 -3.55 -16.92 -15.76
C TRP E 114 -3.12 -16.58 -14.33
N VAL E 115 -3.31 -15.32 -13.95
CA VAL E 115 -2.92 -14.83 -12.62
C VAL E 115 -4.13 -14.49 -11.74
N ASN E 116 -4.03 -14.78 -10.46
CA ASN E 116 -5.11 -14.51 -9.51
C ASN E 116 -5.06 -13.06 -9.07
N ILE E 117 -6.12 -12.32 -9.39
CA ILE E 117 -6.19 -10.90 -9.03
C ILE E 117 -7.53 -10.49 -8.46
N TYR E 118 -7.52 -9.37 -7.74
CA TYR E 118 -8.73 -8.82 -7.14
C TYR E 118 -9.66 -8.33 -8.25
N CYS E 119 -10.87 -8.88 -8.28
CA CYS E 119 -11.86 -8.54 -9.29
C CYS E 119 -12.15 -7.05 -9.40
N GLY E 120 -11.93 -6.32 -8.32
CA GLY E 120 -12.20 -4.89 -8.32
C GLY E 120 -11.12 -4.04 -8.96
N GLN E 121 -10.12 -4.66 -9.58
CA GLN E 121 -9.06 -3.91 -10.21
C GLN E 121 -9.57 -3.39 -11.55
N GLN E 122 -8.98 -2.32 -12.04
CA GLN E 122 -9.35 -1.74 -13.32
C GLN E 122 -8.26 -2.14 -14.33
N ASN E 123 -8.58 -3.10 -15.19
CA ASN E 123 -7.63 -3.57 -16.18
C ASN E 123 -8.25 -3.61 -17.59
N PRO E 124 -7.39 -3.60 -18.63
CA PRO E 124 -7.85 -3.67 -20.02
C PRO E 124 -8.24 -5.16 -20.22
N PHE E 125 -8.82 -5.51 -21.36
CA PHE E 125 -9.32 -6.87 -21.55
C PHE E 125 -9.51 -7.24 -23.00
N VAL E 126 -9.88 -8.50 -23.21
CA VAL E 126 -10.13 -9.03 -24.55
C VAL E 126 -11.55 -9.59 -24.55
N CYS E 127 -12.29 -9.32 -25.62
CA CYS E 127 -13.64 -9.84 -25.74
C CYS E 127 -13.61 -10.90 -26.84
N GLU E 128 -14.46 -11.91 -26.71
CA GLU E 128 -14.56 -12.97 -27.67
C GLU E 128 -16.03 -13.13 -28.00
N ALA E 129 -16.32 -13.35 -29.28
CA ALA E 129 -17.67 -13.54 -29.76
C ALA E 129 -17.66 -14.63 -30.82
N ASP F 1 -1.78 -25.71 29.75
CA ASP F 1 -0.46 -25.70 30.46
C ASP F 1 0.62 -25.70 29.38
N CYS F 2 1.37 -24.60 29.31
CA CYS F 2 2.39 -24.47 28.28
C CYS F 2 3.85 -24.68 28.59
N PRO F 3 4.53 -25.47 27.74
CA PRO F 3 5.94 -25.79 27.85
C PRO F 3 6.69 -24.47 27.75
N SER F 4 7.41 -24.11 28.79
CA SER F 4 8.15 -22.85 28.85
C SER F 4 8.92 -22.43 27.59
N ASP F 5 8.19 -21.82 26.65
CA ASP F 5 8.68 -21.31 25.36
C ASP F 5 7.47 -21.07 24.47
N TRP F 6 6.37 -21.76 24.80
CA TRP F 6 5.09 -21.64 24.11
C TRP F 6 4.27 -20.73 25.03
N SER F 7 3.40 -19.89 24.45
CA SER F 7 2.57 -18.96 25.22
C SER F 7 1.14 -19.46 25.31
N SER F 8 0.44 -19.07 26.37
CA SER F 8 -0.93 -19.50 26.60
C SER F 8 -2.01 -18.46 26.40
N TYR F 9 -3.11 -18.92 25.80
CA TYR F 9 -4.30 -18.12 25.59
C TYR F 9 -5.47 -19.10 25.51
N GLU F 10 -6.42 -18.93 26.42
CA GLU F 10 -7.63 -19.76 26.55
C GLU F 10 -7.43 -21.25 26.39
N GLY F 11 -6.53 -21.81 27.21
CA GLY F 11 -6.27 -23.24 27.18
C GLY F 11 -5.48 -23.75 25.99
N HIS F 12 -4.88 -22.84 25.23
CA HIS F 12 -4.08 -23.22 24.08
C HIS F 12 -2.68 -22.67 24.21
N CYS F 13 -1.75 -23.37 23.58
CA CYS F 13 -0.34 -22.97 23.56
C CYS F 13 0.00 -22.50 22.14
N TYR F 14 0.66 -21.36 22.03
CA TYR F 14 1.04 -20.78 20.73
C TYR F 14 2.53 -20.47 20.72
N LYS F 15 3.16 -20.55 19.56
CA LYS F 15 4.59 -20.27 19.45
C LYS F 15 5.02 -19.85 18.03
N PRO F 16 5.66 -18.67 17.91
CA PRO F 16 6.13 -18.15 16.62
C PRO F 16 7.52 -18.72 16.30
N PHE F 17 7.78 -18.96 15.03
CA PHE F 17 9.06 -19.50 14.60
C PHE F 17 9.77 -18.60 13.59
N SER F 18 11.09 -18.52 13.72
CA SER F 18 11.95 -17.70 12.85
C SER F 18 12.25 -18.21 11.45
N GLU F 19 12.61 -19.48 11.31
CA GLU F 19 12.95 -20.03 10.00
C GLU F 19 11.82 -20.01 8.99
N PRO F 20 11.98 -19.25 7.91
CA PRO F 20 10.99 -19.10 6.84
C PRO F 20 10.79 -20.42 6.10
N LYS F 21 9.54 -20.80 5.93
CA LYS F 21 9.18 -22.04 5.23
C LYS F 21 7.94 -21.82 4.37
N ASN F 22 7.68 -22.73 3.45
CA ASN F 22 6.49 -22.60 2.65
C ASN F 22 5.34 -23.11 3.56
N TRP F 23 4.09 -22.91 3.15
CA TRP F 23 2.96 -23.32 3.97
C TRP F 23 3.00 -24.80 4.38
N ALA F 24 3.10 -25.67 3.39
CA ALA F 24 3.12 -27.11 3.64
C ALA F 24 4.13 -27.50 4.72
N ASP F 25 5.39 -27.16 4.49
CA ASP F 25 6.45 -27.48 5.43
C ASP F 25 6.16 -26.94 6.81
N ALA F 26 5.69 -25.70 6.88
CA ALA F 26 5.39 -25.06 8.16
C ALA F 26 4.30 -25.81 8.92
N GLU F 27 3.28 -26.27 8.20
CA GLU F 27 2.18 -27.02 8.82
C GLU F 27 2.71 -28.34 9.37
N ASN F 28 3.50 -29.03 8.55
CA ASN F 28 4.09 -30.30 8.93
C ASN F 28 5.09 -30.14 10.11
N PHE F 29 5.77 -28.99 10.16
CA PHE F 29 6.72 -28.71 11.21
C PHE F 29 6.01 -28.61 12.55
N CYS F 30 4.89 -27.89 12.57
CA CYS F 30 4.11 -27.70 13.79
C CYS F 30 3.63 -29.02 14.38
N THR F 31 3.25 -29.95 13.51
CA THR F 31 2.77 -31.26 13.93
C THR F 31 3.87 -32.03 14.67
N GLN F 32 5.08 -31.95 14.14
CA GLN F 32 6.24 -32.62 14.74
C GLN F 32 6.71 -31.84 15.97
N GLN F 33 6.20 -30.63 16.14
CA GLN F 33 6.60 -29.82 17.28
C GLN F 33 5.84 -30.18 18.56
N HIS F 34 4.67 -30.80 18.42
CA HIS F 34 3.87 -31.19 19.59
C HIS F 34 2.66 -32.01 19.20
N ALA F 35 2.20 -32.84 20.14
CA ALA F 35 1.01 -33.67 19.94
C ALA F 35 -0.14 -32.72 19.67
N GLY F 36 -0.80 -32.91 18.54
CA GLY F 36 -1.91 -32.05 18.16
C GLY F 36 -1.44 -30.71 17.60
N GLY F 37 -0.15 -30.59 17.35
CA GLY F 37 0.43 -29.37 16.82
C GLY F 37 -0.05 -29.08 15.42
N HIS F 38 -0.31 -27.81 15.14
CA HIS F 38 -0.79 -27.38 13.84
C HIS F 38 -0.43 -25.92 13.69
N LEU F 39 -0.63 -25.40 12.49
CA LEU F 39 -0.40 -24.01 12.16
C LEU F 39 -1.58 -23.25 12.79
N VAL F 40 -1.32 -22.05 13.29
CA VAL F 40 -2.32 -21.24 13.97
C VAL F 40 -3.68 -21.03 13.29
N SER F 41 -4.73 -21.20 14.08
CA SER F 41 -6.11 -21.02 13.63
C SER F 41 -6.73 -19.93 14.49
N PHE F 42 -7.34 -18.96 13.82
CA PHE F 42 -8.00 -17.87 14.49
C PHE F 42 -9.47 -18.21 14.54
N GLN F 43 -10.02 -18.39 15.74
CA GLN F 43 -11.43 -18.74 15.91
C GLN F 43 -12.22 -17.52 16.34
N SER F 44 -11.51 -16.45 16.70
CA SER F 44 -12.12 -15.22 17.15
C SER F 44 -11.19 -14.03 16.88
N SER F 45 -11.68 -12.82 17.09
CA SER F 45 -10.88 -11.64 16.87
C SER F 45 -9.87 -11.45 18.00
N GLU F 46 -10.25 -11.87 19.20
CA GLU F 46 -9.39 -11.73 20.37
C GLU F 46 -8.20 -12.68 20.34
N GLU F 47 -8.39 -13.86 19.75
CA GLU F 47 -7.30 -14.83 19.63
C GLU F 47 -6.34 -14.32 18.57
N ALA F 48 -6.90 -13.71 17.54
CA ALA F 48 -6.13 -13.14 16.45
C ALA F 48 -5.22 -12.07 17.00
N ASP F 49 -5.79 -11.16 17.79
CA ASP F 49 -5.03 -10.07 18.37
C ASP F 49 -3.92 -10.55 19.28
N PHE F 50 -4.15 -11.67 19.95
CA PHE F 50 -3.16 -12.25 20.87
C PHE F 50 -1.95 -12.75 20.07
N VAL F 51 -2.24 -13.57 19.07
CA VAL F 51 -1.21 -14.14 18.22
C VAL F 51 -0.40 -13.06 17.50
N VAL F 52 -1.08 -12.07 16.93
CA VAL F 52 -0.42 -11.00 16.20
C VAL F 52 0.59 -10.24 17.05
N LYS F 53 0.19 -9.83 18.25
CA LYS F 53 1.11 -9.11 19.11
C LYS F 53 2.19 -10.05 19.60
N LEU F 54 1.84 -11.33 19.80
CA LEU F 54 2.83 -12.30 20.24
C LEU F 54 3.94 -12.38 19.20
N ALA F 55 3.51 -12.53 17.94
CA ALA F 55 4.42 -12.63 16.81
C ALA F 55 5.31 -11.39 16.69
N PHE F 56 4.70 -10.20 16.82
CA PHE F 56 5.46 -8.97 16.74
C PHE F 56 6.46 -8.90 17.90
N GLN F 57 6.01 -9.24 19.11
CA GLN F 57 6.85 -9.22 20.32
C GLN F 57 8.04 -10.15 20.19
N THR F 58 7.84 -11.25 19.50
CA THR F 58 8.88 -12.25 19.31
C THR F 58 9.83 -11.99 18.15
N PHE F 59 9.29 -11.64 16.98
CA PHE F 59 10.14 -11.43 15.80
C PHE F 59 9.91 -10.15 14.99
N GLY F 60 9.26 -9.17 15.58
CA GLY F 60 9.04 -7.91 14.89
C GLY F 60 8.16 -7.91 13.65
N HIS F 61 8.49 -6.99 12.75
CA HIS F 61 7.77 -6.75 11.49
C HIS F 61 8.08 -7.77 10.39
N SER F 62 7.18 -8.73 10.22
CA SER F 62 7.33 -9.77 9.22
C SER F 62 5.95 -10.32 8.88
N ILE F 63 5.90 -11.44 8.15
CA ILE F 63 4.65 -12.08 7.73
C ILE F 63 4.66 -13.53 8.21
N PHE F 64 3.51 -14.03 8.65
CA PHE F 64 3.40 -15.38 9.20
C PHE F 64 2.20 -16.14 8.64
N TRP F 65 2.38 -17.44 8.40
CA TRP F 65 1.31 -18.31 7.90
C TRP F 65 0.32 -18.66 8.99
N MET F 66 -0.94 -18.83 8.59
CA MET F 66 -2.03 -19.24 9.47
C MET F 66 -2.37 -20.61 8.88
N GLY F 67 -3.14 -21.41 9.58
CA GLY F 67 -3.49 -22.73 9.09
C GLY F 67 -4.56 -22.84 8.01
N LEU F 68 -4.55 -21.95 7.03
CA LEU F 68 -5.54 -22.02 5.96
C LEU F 68 -4.79 -22.07 4.63
N SER F 69 -5.02 -23.14 3.85
CA SER F 69 -4.34 -23.34 2.57
C SER F 69 -5.29 -23.63 1.42
N ASN F 70 -4.74 -23.64 0.20
CA ASN F 70 -5.48 -23.91 -1.04
C ASN F 70 -6.85 -23.26 -0.98
N VAL F 71 -6.87 -21.99 -0.63
CA VAL F 71 -8.11 -21.24 -0.45
C VAL F 71 -9.16 -21.20 -1.57
N TRP F 72 -8.73 -21.12 -2.82
CA TRP F 72 -9.67 -21.03 -3.93
C TRP F 72 -9.74 -22.26 -4.83
N ASN F 73 -8.82 -23.20 -4.62
CA ASN F 73 -8.74 -24.42 -5.45
C ASN F 73 -10.03 -25.18 -5.62
N GLN F 74 -10.86 -25.15 -4.59
CA GLN F 74 -12.11 -25.88 -4.58
C GLN F 74 -13.32 -24.99 -4.84
N CYS F 75 -13.09 -23.77 -5.29
CA CYS F 75 -14.21 -22.88 -5.59
C CYS F 75 -14.82 -23.30 -6.91
N ASN F 76 -15.93 -22.65 -7.26
CA ASN F 76 -16.61 -22.94 -8.53
C ASN F 76 -16.19 -21.92 -9.58
N TRP F 77 -15.10 -22.23 -10.28
CA TRP F 77 -14.56 -21.38 -11.33
C TRP F 77 -15.34 -21.62 -12.63
N GLN F 78 -15.92 -20.56 -13.18
CA GLN F 78 -16.71 -20.67 -14.41
C GLN F 78 -16.29 -19.61 -15.42
N TRP F 79 -16.23 -20.00 -16.70
CA TRP F 79 -15.92 -19.04 -17.76
C TRP F 79 -17.27 -18.37 -17.92
N SER F 80 -17.29 -17.05 -18.03
CA SER F 80 -18.55 -16.33 -18.15
C SER F 80 -19.43 -16.79 -19.32
N ASN F 81 -18.82 -17.43 -20.32
CA ASN F 81 -19.53 -17.92 -21.49
C ASN F 81 -20.04 -19.35 -21.26
N ALA F 82 -19.99 -19.80 -20.02
CA ALA F 82 -20.44 -21.14 -19.63
C ALA F 82 -19.66 -22.28 -20.27
N ALA F 83 -18.46 -21.98 -20.76
CA ALA F 83 -17.62 -23.00 -21.37
C ALA F 83 -17.02 -23.85 -20.27
N MET F 84 -16.99 -25.16 -20.50
CA MET F 84 -16.46 -26.11 -19.54
C MET F 84 -14.99 -25.80 -19.26
N LEU F 85 -14.62 -25.76 -17.99
CA LEU F 85 -13.24 -25.52 -17.65
C LEU F 85 -12.51 -26.85 -17.80
N ARG F 86 -11.82 -27.02 -18.92
CA ARG F 86 -11.05 -28.24 -19.19
C ARG F 86 -9.58 -27.83 -19.21
N TYR F 87 -9.22 -27.02 -20.20
CA TYR F 87 -7.87 -26.50 -20.32
C TYR F 87 -7.64 -25.56 -19.10
N LYS F 88 -6.51 -25.75 -18.42
CA LYS F 88 -6.14 -24.94 -17.25
C LYS F 88 -4.78 -24.35 -17.59
N ALA F 89 -4.48 -23.18 -17.04
CA ALA F 89 -3.19 -22.51 -17.27
C ALA F 89 -2.88 -21.59 -16.10
N TRP F 90 -2.97 -22.13 -14.90
CA TRP F 90 -2.72 -21.39 -13.68
C TRP F 90 -1.24 -21.07 -13.52
N ALA F 91 -0.93 -19.81 -13.27
CA ALA F 91 0.45 -19.38 -13.06
C ALA F 91 0.91 -19.90 -11.69
N GLU F 92 0.02 -19.80 -10.70
CA GLU F 92 0.32 -20.26 -9.35
C GLU F 92 -0.67 -21.33 -8.97
N GLU F 93 -0.15 -22.42 -8.44
CA GLU F 93 -0.94 -23.59 -8.06
C GLU F 93 -2.08 -23.35 -7.05
N SER F 94 -1.73 -22.77 -5.90
CA SER F 94 -2.70 -22.52 -4.86
C SER F 94 -2.21 -21.44 -3.92
N TYR F 95 -3.15 -20.71 -3.34
CA TYR F 95 -2.85 -19.65 -2.40
C TYR F 95 -3.20 -20.08 -0.99
N CYS F 96 -2.44 -19.52 -0.06
CA CYS F 96 -2.59 -19.78 1.35
C CYS F 96 -2.74 -18.43 2.07
N VAL F 97 -3.27 -18.47 3.29
CA VAL F 97 -3.52 -17.26 4.07
C VAL F 97 -2.42 -17.02 5.08
N TYR F 98 -2.05 -15.75 5.24
CA TYR F 98 -1.03 -15.34 6.19
C TYR F 98 -1.46 -14.02 6.79
N PHE F 99 -0.80 -13.63 7.88
CA PHE F 99 -1.06 -12.35 8.50
C PHE F 99 0.27 -11.63 8.62
N LYS F 100 0.22 -10.31 8.65
CA LYS F 100 1.41 -9.48 8.80
C LYS F 100 1.30 -9.02 10.25
N SER F 101 2.39 -9.08 11.00
CA SER F 101 2.37 -8.73 12.41
C SER F 101 1.96 -7.31 12.83
N THR F 102 1.51 -6.48 11.89
CA THR F 102 1.07 -5.13 12.22
C THR F 102 -0.42 -5.12 12.59
N ASN F 103 -1.16 -6.11 12.12
CA ASN F 103 -2.59 -6.22 12.41
C ASN F 103 -3.13 -7.63 12.13
N ASN F 104 -4.40 -7.87 12.50
CA ASN F 104 -5.02 -9.18 12.33
C ASN F 104 -5.73 -9.38 10.99
N LYS F 105 -5.44 -8.50 10.03
CA LYS F 105 -6.05 -8.60 8.71
C LYS F 105 -5.51 -9.83 7.98
N TRP F 106 -6.38 -10.52 7.24
CA TRP F 106 -5.99 -11.70 6.50
C TRP F 106 -5.52 -11.39 5.09
N ARG F 107 -4.41 -12.01 4.68
CA ARG F 107 -3.86 -11.80 3.35
C ARG F 107 -3.51 -13.13 2.68
N SER F 108 -3.53 -13.16 1.36
CA SER F 108 -3.21 -14.37 0.61
C SER F 108 -1.82 -14.26 -0.01
N ARG F 109 -1.16 -15.40 -0.12
CA ARG F 109 0.18 -15.49 -0.66
C ARG F 109 0.26 -16.90 -1.24
N ALA F 110 0.96 -17.06 -2.37
CA ALA F 110 1.11 -18.37 -3.01
C ALA F 110 1.80 -19.33 -2.03
N CYS F 111 1.17 -20.47 -1.78
CA CYS F 111 1.67 -21.46 -0.81
C CYS F 111 3.10 -21.94 -0.92
N ARG F 112 3.70 -21.83 -2.10
CA ARG F 112 5.07 -22.27 -2.34
C ARG F 112 6.06 -21.24 -1.82
N MET F 113 5.58 -20.05 -1.52
CA MET F 113 6.45 -18.98 -1.05
C MET F 113 6.80 -19.06 0.42
N MET F 114 7.81 -18.28 0.79
CA MET F 114 8.30 -18.25 2.16
C MET F 114 7.53 -17.28 3.03
N ALA F 115 7.51 -17.58 4.32
CA ALA F 115 6.89 -16.76 5.35
C ALA F 115 7.27 -17.42 6.66
N GLN F 116 7.19 -16.66 7.73
CA GLN F 116 7.47 -17.23 9.04
C GLN F 116 6.13 -17.79 9.48
N PHE F 117 6.04 -18.31 10.70
CA PHE F 117 4.78 -18.90 11.11
C PHE F 117 4.59 -19.01 12.62
N VAL F 118 3.35 -19.33 12.99
CA VAL F 118 3.00 -19.52 14.40
C VAL F 118 2.29 -20.86 14.43
N CYS F 119 2.69 -21.69 15.39
CA CYS F 119 2.06 -22.99 15.58
C CYS F 119 1.26 -22.92 16.85
N GLU F 120 0.34 -23.84 17.03
CA GLU F 120 -0.45 -23.89 18.25
C GLU F 120 -0.97 -25.30 18.48
N PHE F 121 -1.34 -25.58 19.73
CA PHE F 121 -1.90 -26.87 20.13
C PHE F 121 -2.75 -26.69 21.38
N GLN F 122 -3.51 -27.71 21.73
CA GLN F 122 -4.38 -27.66 22.89
C GLN F 122 -3.76 -28.46 24.03
N ALA F 123 -3.65 -27.82 25.19
CA ALA F 123 -3.10 -28.41 26.42
C ALA F 123 -2.91 -27.32 27.48
#